data_7S3H
#
_entry.id   7S3H
#
loop_
_entity.id
_entity.type
_entity.pdbx_description
1 polymer 'Non-target DNA strand'
2 polymer 'CRISPR-associated endonuclease Cas9/Csn1'
3 polymer 'Single-guide RNA'
4 polymer 'Target DNA strand'
#
loop_
_entity_poly.entity_id
_entity_poly.type
_entity_poly.pdbx_seq_one_letter_code
_entity_poly.pdbx_strand_id
1 'polydeoxyribonucleotide'
;(DG)(DA)(DC)(DG)(DC)(DA)(DT)(DA)(DA)(DA)(DG)(DA)(DT)(DG)(DA)(DG)(DA)(DC)(DA)(DA)
(DT)(DG)(DG)(DC)(DG)(DA)(DT)(DT)(DA)(DC)
;
N
2 'polypeptide(L)'
;SNAMDKKYSIGLDIGTNSVGWAVITDEYKVPSKKFKVLGNTDRHSIKKNLIGALLFDSGETAEATRLKRTARRRYTRRKN
RICYLQEIFSNEMAKVDDSFFHRLEESFLVEEDKKHERHPIFGNIVDEVAYHEKYPTIYHLRKKLVDSTDKADLRLIYLA
LAHMIKFRGHFLIEGDLNPDNSDVDKLFIQLVQTYNQLFEENPINASGVDAKAILSARLSKSRRLENLIAQLPGEKKNGL
FGNLIALSLGLTPNFKSNFDLAEDAKLQLSKDTYDDDLDNLLAQIGDQYADLFLAAKNLSDAILLSDILRVNTEITKAPL
SASMIKRYDEHHQDLTLLKALVRQQLPEKYKEIFFDQSKNGYAGYIDGGASQEEFYKFIKPILEKMDGTEELLVKLNRED
LLRKQRTFDNGSIPHQIHLGELHAILRRQEDFYPFLKDNREKIEKILTFRIPYYVGPLARGNSRFAWMTRKSEETITPWN
FEEVVDKGASAQSFIERMTNFDKNLPNEKVLPKHSLLYEYFTVYNELTKVKYVTEGMRKPAFLSGEQKKAIVDLLFKTNR
KVTVKQLKEDYFKKIECFDSVEISGVEDRFNASLGTYHDLLKIIKDKDFLDNEENEDILEDIVLTLTLFEDREMIEERLK
TYAHLFDDKVMKQLKRRRYTGWGRLSRKLINGIRDKQSGKTILDFLKSDGFANRNFMQLIHDDSLTFKEDIQKAQVSGQG
DSLHEHIANLAGSPAIKKGILQTVKVVDELVKVMGRHKPENIVIEMARENQTTQKGQKNSRERMKRIEEGIKELGSQILK
EHPVENTQLQNEKLYLYYLQNGRDMYVDQELDINRLSDYDVDHIVPQSFLKDDSIDNKVLTRSDKNRGKSDNVPSEEVVK
KMKNYWRQLLNAKLITQRKFDNLTKAERGGLSELDKAGFIKRQLVETRQITKHVAQILDSRMNTKYDENDKLIREVKVIT
LKSKLVSDFRKDFQFYKVREINNYHHAHDAYLNAVVGTALIKKYPKLESEFVYGDYKVYDVRKMIAKSEQEIGKATAKYF
FYSNIMNFFKTEITLANGEIRKRPLIETNGETGEIVWDKGRDFATVRKVLSMPQVNIVKKTEVQTGGFSKESILPKRNSD
KLIARKKDWDPKKYGGFDSPTVAYSVLVVAKVEKGKSKKLKSVKELLGITIMERSSFEKNPIDFLEAKGYKEVKKDLIIK
LPKYSLFELENGRKRMLASAGELQKGNELALPSKYVNFLYLASHYEKLKGSPEDNEQKQLFVEQHKHYLDEIIEQISEFS
KRVILADANLDKVLSAYNKHRDKPIREQAENIIHLFTLTNLGAPAAFKYFDTTIDRKRYCSTKEVLDATLIHQSITGLYE
TRIDLSQLGGD
;
P
3 'polyribonucleotide'
;GGCUGCGUAUUUCUACUCUGUUGUUUUAGAGCUAGAAAUAGCAAGUUAAAAUAAGGCUAGUCCGUUAUCAACUUGAAAAA
GUGGCACCGAGUCGGUGCUUCG
;
R
4 'polydeoxyribonucleotide'
;(DG)(DT)(DA)(DA)(DT)(2YR)(DG)(DC)(DC)(DA)(DT)(DT)(DG)(DT)(DC)(DT)(DC)(DA)(DT)
(DC)(DT)(DT)(DT)(DA)(DT)(DG)(DC)(DG)(DT)(DC)
;
T
#
# COMPACT_ATOMS: atom_id res chain seq x y z
N LYS B 6 -25.19 20.87 -0.94
CA LYS B 6 -24.54 21.74 -1.92
C LYS B 6 -23.18 21.10 -2.26
N LYS B 7 -22.12 21.88 -2.50
CA LYS B 7 -20.84 21.29 -2.81
C LYS B 7 -20.22 20.67 -1.56
N TYR B 8 -19.60 19.51 -1.75
CA TYR B 8 -18.99 18.76 -0.65
C TYR B 8 -17.80 18.00 -1.19
N SER B 9 -17.02 17.43 -0.28
CA SER B 9 -15.88 16.59 -0.61
C SER B 9 -15.84 15.41 0.33
N ILE B 10 -15.20 14.34 -0.12
CA ILE B 10 -15.09 13.09 0.63
C ILE B 10 -13.62 12.86 0.96
N GLY B 11 -13.37 12.49 2.20
CA GLY B 11 -12.04 12.11 2.67
C GLY B 11 -12.05 10.64 2.99
N LEU B 12 -11.00 9.92 2.60
CA LEU B 12 -10.91 8.47 2.74
C LEU B 12 -9.57 8.10 3.34
N ASP B 13 -9.60 7.18 4.32
CA ASP B 13 -8.42 6.65 4.98
C ASP B 13 -8.46 5.13 4.81
N ILE B 14 -7.82 4.65 3.76
CA ILE B 14 -7.87 3.25 3.36
C ILE B 14 -6.80 2.48 4.13
N GLY B 15 -7.21 1.37 4.76
CA GLY B 15 -6.29 0.52 5.49
C GLY B 15 -6.59 -0.93 5.19
N THR B 16 -5.87 -1.82 5.90
CA THR B 16 -6.02 -3.25 5.69
C THR B 16 -7.06 -3.90 6.59
N ASN B 17 -7.46 -3.23 7.67
CA ASN B 17 -8.46 -3.71 8.62
C ASN B 17 -9.56 -2.68 8.87
N SER B 18 -9.48 -1.49 8.28
CA SER B 18 -10.47 -0.46 8.50
C SER B 18 -10.44 0.50 7.32
N VAL B 19 -11.56 1.17 7.08
CA VAL B 19 -11.67 2.22 6.08
C VAL B 19 -12.37 3.41 6.72
N GLY B 20 -11.63 4.49 6.92
CA GLY B 20 -12.19 5.72 7.45
C GLY B 20 -12.79 6.55 6.33
N TRP B 21 -13.89 7.25 6.64
CA TRP B 21 -14.58 8.08 5.67
C TRP B 21 -15.17 9.30 6.35
N ALA B 22 -15.14 10.42 5.65
CA ALA B 22 -15.73 11.66 6.16
C ALA B 22 -16.22 12.52 5.00
N VAL B 23 -17.30 13.25 5.24
CA VAL B 23 -17.88 14.20 4.30
C VAL B 23 -17.70 15.61 4.86
N ILE B 24 -17.12 16.51 4.05
CA ILE B 24 -16.87 17.89 4.44
C ILE B 24 -17.57 18.83 3.46
N THR B 25 -17.88 20.04 3.92
CA THR B 25 -18.49 21.09 3.13
C THR B 25 -17.39 22.05 2.64
N ASP B 26 -17.79 23.24 2.17
CA ASP B 26 -16.82 24.22 1.69
C ASP B 26 -16.13 24.91 2.85
N GLU B 27 -16.86 25.17 3.94
CA GLU B 27 -16.29 25.73 5.17
C GLU B 27 -15.74 24.66 6.12
N TYR B 28 -15.41 23.48 5.60
CA TYR B 28 -14.70 22.43 6.34
C TYR B 28 -15.53 21.90 7.52
N LYS B 29 -16.85 21.85 7.34
CA LYS B 29 -17.78 21.36 8.35
C LYS B 29 -18.26 19.97 7.96
N VAL B 30 -18.58 19.15 8.95
CA VAL B 30 -19.13 17.81 8.72
C VAL B 30 -20.65 17.90 8.82
N PRO B 31 -21.41 17.62 7.75
CA PRO B 31 -22.87 17.70 7.84
C PRO B 31 -23.45 16.69 8.83
N SER B 32 -24.56 17.08 9.46
CA SER B 32 -25.36 16.20 10.29
C SER B 32 -26.72 16.12 9.60
N LYS B 33 -27.15 14.90 9.28
CA LYS B 33 -28.39 14.68 8.54
C LYS B 33 -29.30 13.68 9.25
N LYS B 34 -30.58 13.74 8.91
CA LYS B 34 -31.59 12.82 9.42
C LYS B 34 -31.76 11.69 8.42
N PHE B 35 -31.67 10.45 8.90
CA PHE B 35 -31.81 9.26 8.07
C PHE B 35 -33.03 8.45 8.49
N LYS B 36 -33.71 7.88 7.50
CA LYS B 36 -34.85 7.01 7.75
C LYS B 36 -34.41 5.71 8.40
N VAL B 37 -35.24 5.19 9.28
CA VAL B 37 -35.03 3.92 9.97
C VAL B 37 -36.16 2.98 9.59
N LEU B 38 -35.80 1.86 8.95
CA LEU B 38 -36.76 0.85 8.54
C LEU B 38 -36.91 -0.20 9.63
N GLY B 39 -37.94 -1.03 9.49
CA GLY B 39 -38.24 -2.10 10.44
C GLY B 39 -39.66 -2.06 10.96
N ASN B 40 -39.86 -2.51 12.21
CA ASN B 40 -41.17 -2.58 12.84
C ASN B 40 -41.19 -1.99 14.24
N THR B 41 -40.28 -1.05 14.53
CA THR B 41 -40.22 -0.38 15.82
C THR B 41 -40.88 0.99 15.71
N ASP B 42 -40.81 1.75 16.80
CA ASP B 42 -41.37 3.09 16.86
C ASP B 42 -40.37 4.18 16.47
N ARG B 43 -39.12 3.83 16.16
CA ARG B 43 -38.10 4.78 15.73
C ARG B 43 -38.10 4.82 14.21
N HIS B 44 -38.43 5.98 13.63
CA HIS B 44 -38.51 6.15 12.18
C HIS B 44 -37.47 7.11 11.63
N SER B 45 -36.66 7.75 12.49
CA SER B 45 -35.67 8.70 12.02
C SER B 45 -34.55 8.76 13.05
N ILE B 46 -33.32 8.93 12.59
CA ILE B 46 -32.18 9.15 13.47
C ILE B 46 -31.29 10.23 12.88
N LYS B 47 -30.71 11.08 13.73
CA LYS B 47 -29.75 12.08 13.31
C LYS B 47 -28.34 11.52 13.41
N LYS B 48 -27.59 11.58 12.30
CA LYS B 48 -26.25 11.04 12.21
C LYS B 48 -25.31 12.05 11.56
N ASN B 49 -24.07 12.09 12.02
CA ASN B 49 -23.02 12.87 11.39
C ASN B 49 -22.42 12.08 10.23
N LEU B 50 -22.15 12.77 9.12
CA LEU B 50 -21.56 12.13 7.93
C LEU B 50 -20.05 11.96 8.13
N ILE B 51 -19.70 11.09 9.07
CA ILE B 51 -18.33 10.75 9.37
C ILE B 51 -18.35 9.39 10.04
N GLY B 52 -17.39 8.53 9.70
CA GLY B 52 -17.37 7.21 10.30
C GLY B 52 -16.21 6.38 9.77
N ALA B 53 -16.21 5.11 10.18
CA ALA B 53 -15.18 4.18 9.76
C ALA B 53 -15.75 2.76 9.75
N LEU B 54 -15.54 2.05 8.66
CA LEU B 54 -15.94 0.65 8.55
C LEU B 54 -14.79 -0.21 9.07
N LEU B 55 -15.10 -1.19 9.90
CA LEU B 55 -14.14 -2.15 10.44
C LEU B 55 -14.46 -3.54 9.91
N PHE B 56 -13.43 -4.33 9.61
CA PHE B 56 -13.70 -5.66 9.08
C PHE B 56 -12.53 -6.62 9.29
N ASP B 57 -12.87 -7.91 9.39
CA ASP B 57 -11.92 -9.00 9.49
C ASP B 57 -11.15 -9.25 8.20
N SER B 58 -9.95 -9.76 8.34
CA SER B 58 -9.04 -10.06 7.24
C SER B 58 -9.01 -11.59 7.18
N GLY B 59 -10.02 -12.17 6.51
CA GLY B 59 -10.33 -13.59 6.64
C GLY B 59 -10.94 -14.26 5.43
N GLU B 60 -11.32 -15.53 5.59
CA GLU B 60 -11.91 -16.32 4.51
C GLU B 60 -13.40 -16.03 4.37
N THR B 61 -13.78 -15.46 3.23
CA THR B 61 -15.12 -14.95 2.99
C THR B 61 -15.41 -15.17 1.51
N ALA B 62 -16.69 -15.21 1.16
CA ALA B 62 -17.08 -15.29 -0.26
C ALA B 62 -16.51 -14.13 -1.06
N GLU B 63 -16.69 -12.91 -0.55
CA GLU B 63 -16.06 -11.70 -1.12
C GLU B 63 -14.56 -11.88 -1.32
N ALA B 64 -13.88 -12.46 -0.32
CA ALA B 64 -12.44 -12.66 -0.41
C ALA B 64 -12.09 -13.60 -1.56
N THR B 65 -12.83 -14.69 -1.72
CA THR B 65 -12.55 -15.59 -2.83
C THR B 65 -12.90 -14.91 -4.14
N ARG B 66 -13.92 -14.03 -4.13
CA ARG B 66 -14.28 -13.32 -5.35
C ARG B 66 -13.17 -12.37 -5.79
N LEU B 67 -12.33 -11.92 -4.84
CA LEU B 67 -11.24 -10.99 -5.12
C LEU B 67 -9.90 -11.68 -5.38
N LYS B 68 -9.87 -13.01 -5.43
CA LYS B 68 -8.67 -13.77 -5.73
C LYS B 68 -8.61 -14.03 -7.23
N ARG B 69 -7.40 -14.10 -7.76
CA ARG B 69 -7.24 -14.44 -9.17
C ARG B 69 -7.51 -15.92 -9.33
N THR B 70 -8.35 -16.26 -10.29
CA THR B 70 -8.75 -17.63 -10.61
C THR B 70 -8.66 -17.84 -12.11
N ALA B 71 -8.24 -19.05 -12.48
CA ALA B 71 -8.06 -19.43 -13.89
C ALA B 71 -9.30 -19.20 -14.72
N ARG B 72 -10.49 -19.47 -14.16
CA ARG B 72 -11.72 -19.40 -14.96
C ARG B 72 -12.00 -17.97 -15.43
N ARG B 73 -11.80 -16.97 -14.56
CA ARG B 73 -12.06 -15.59 -14.93
C ARG B 73 -11.13 -15.15 -16.06
N ARG B 74 -9.84 -15.51 -15.95
CA ARG B 74 -8.87 -15.26 -17.00
C ARG B 74 -9.30 -15.92 -18.30
N TYR B 75 -9.63 -17.21 -18.22
CA TYR B 75 -10.11 -18.00 -19.36
C TYR B 75 -11.26 -17.33 -20.09
N THR B 76 -12.33 -16.96 -19.37
CA THR B 76 -13.46 -16.30 -20.02
C THR B 76 -13.05 -14.97 -20.65
N ARG B 77 -12.20 -14.19 -19.96
CA ARG B 77 -11.63 -12.97 -20.54
C ARG B 77 -11.03 -13.24 -21.93
N ARG B 78 -10.04 -14.15 -21.96
CA ARG B 78 -9.37 -14.53 -23.21
C ARG B 78 -10.38 -15.02 -24.26
N LYS B 79 -11.30 -15.90 -23.84
CA LYS B 79 -12.35 -16.42 -24.72
C LYS B 79 -13.15 -15.29 -25.35
N ASN B 80 -13.55 -14.30 -24.53
CA ASN B 80 -14.28 -13.13 -25.02
C ASN B 80 -13.49 -12.40 -26.09
N ARG B 81 -12.22 -12.11 -25.81
CA ARG B 81 -11.35 -11.48 -26.80
C ARG B 81 -11.32 -12.26 -28.12
N ILE B 82 -11.12 -13.58 -28.03
CA ILE B 82 -11.17 -14.42 -29.23
C ILE B 82 -12.51 -14.32 -29.94
N CYS B 83 -13.61 -14.33 -29.18
CA CYS B 83 -14.95 -14.16 -29.77
C CYS B 83 -15.04 -12.88 -30.59
N TYR B 84 -14.58 -11.76 -30.01
CA TYR B 84 -14.54 -10.49 -30.73
C TYR B 84 -13.72 -10.62 -32.03
N LEU B 85 -12.51 -11.16 -31.92
CA LEU B 85 -11.64 -11.40 -33.07
C LEU B 85 -12.35 -12.22 -34.15
N GLN B 86 -13.01 -13.29 -33.73
CA GLN B 86 -13.70 -14.17 -34.67
C GLN B 86 -14.87 -13.46 -35.34
N GLU B 87 -15.62 -12.66 -34.58
CA GLU B 87 -16.68 -11.85 -35.19
C GLU B 87 -16.12 -10.91 -36.25
N ILE B 88 -14.96 -10.32 -35.98
CA ILE B 88 -14.29 -9.46 -36.97
C ILE B 88 -13.87 -10.26 -38.20
N PHE B 89 -13.40 -11.49 -38.00
CA PHE B 89 -12.94 -12.32 -39.13
C PHE B 89 -14.05 -13.09 -39.87
N SER B 90 -15.24 -13.22 -39.27
CA SER B 90 -16.35 -14.04 -39.77
C SER B 90 -16.63 -13.86 -41.26
N ASN B 91 -17.03 -12.64 -41.64
CA ASN B 91 -17.56 -12.36 -42.98
C ASN B 91 -16.58 -12.73 -44.09
N GLU B 92 -15.27 -12.58 -43.84
CA GLU B 92 -14.23 -12.96 -44.78
C GLU B 92 -13.84 -14.42 -44.67
N MET B 93 -13.92 -15.00 -43.46
CA MET B 93 -13.60 -16.40 -43.31
C MET B 93 -14.64 -17.24 -44.05
N ALA B 94 -15.88 -16.76 -44.13
CA ALA B 94 -16.91 -17.50 -44.86
C ALA B 94 -16.51 -17.65 -46.32
N LYS B 95 -15.85 -16.62 -46.88
CA LYS B 95 -15.39 -16.69 -48.27
C LYS B 95 -14.16 -17.56 -48.39
N VAL B 96 -13.29 -17.55 -47.38
CA VAL B 96 -12.05 -18.33 -47.44
C VAL B 96 -12.33 -19.79 -47.08
N VAL B 129 0.38 -30.64 -43.90
CA VAL B 129 1.73 -31.18 -43.71
C VAL B 129 2.78 -30.12 -44.03
N ALA B 130 2.58 -29.40 -45.14
CA ALA B 130 3.50 -28.33 -45.52
C ALA B 130 3.59 -27.26 -44.45
N TYR B 131 2.44 -26.88 -43.87
CA TYR B 131 2.41 -25.88 -42.81
C TYR B 131 3.16 -26.36 -41.58
N HIS B 132 2.87 -27.57 -41.12
CA HIS B 132 3.51 -28.06 -39.89
C HIS B 132 5.00 -28.26 -40.08
N GLU B 133 5.43 -28.73 -41.27
CA GLU B 133 6.86 -28.90 -41.51
C GLU B 133 7.57 -27.57 -41.70
N LYS B 134 6.93 -26.63 -42.39
CA LYS B 134 7.51 -25.31 -42.62
C LYS B 134 7.54 -24.46 -41.34
N TYR B 135 6.48 -24.50 -40.54
CA TYR B 135 6.40 -23.74 -39.28
C TYR B 135 6.08 -24.72 -38.14
N PRO B 136 7.08 -25.20 -37.39
CA PRO B 136 6.76 -26.14 -36.29
C PRO B 136 6.20 -25.43 -35.06
N THR B 137 6.41 -24.13 -34.93
CA THR B 137 5.81 -23.29 -33.89
C THR B 137 5.21 -22.05 -34.52
N ILE B 138 4.31 -21.42 -33.75
CA ILE B 138 3.60 -20.22 -34.20
C ILE B 138 4.54 -19.03 -34.40
N TYR B 139 5.69 -18.99 -33.70
CA TYR B 139 6.58 -17.84 -33.84
C TYR B 139 7.22 -17.78 -35.23
N HIS B 140 7.38 -18.94 -35.88
CA HIS B 140 7.85 -18.95 -37.27
C HIS B 140 6.85 -18.27 -38.19
N LEU B 141 5.58 -18.64 -38.06
CA LEU B 141 4.52 -18.04 -38.87
C LEU B 141 4.42 -16.53 -38.62
N ARG B 142 4.50 -16.13 -37.36
CA ARG B 142 4.43 -14.70 -37.03
C ARG B 142 5.58 -13.94 -37.68
N LYS B 143 6.81 -14.44 -37.52
CA LYS B 143 7.96 -13.79 -38.16
C LYS B 143 7.83 -13.75 -39.67
N LYS B 144 7.21 -14.78 -40.26
CA LYS B 144 6.97 -14.72 -41.70
C LYS B 144 6.01 -13.60 -42.00
N LEU B 145 4.93 -13.47 -41.23
CA LEU B 145 3.95 -12.44 -41.55
C LEU B 145 4.50 -11.04 -41.32
N VAL B 146 5.55 -10.88 -40.49
CA VAL B 146 6.18 -9.56 -40.34
C VAL B 146 7.22 -9.33 -41.44
N ASP B 147 7.82 -10.39 -42.00
CA ASP B 147 8.96 -10.26 -42.92
C ASP B 147 8.67 -10.69 -44.36
N SER B 148 7.42 -11.01 -44.71
CA SER B 148 7.04 -11.46 -46.05
C SER B 148 6.06 -10.47 -46.67
N THR B 149 6.33 -10.07 -47.92
CA THR B 149 5.43 -9.22 -48.66
C THR B 149 4.37 -10.01 -49.43
N ASP B 150 4.54 -11.32 -49.59
CA ASP B 150 3.59 -12.15 -50.32
C ASP B 150 2.25 -12.23 -49.58
N LYS B 151 1.19 -12.46 -50.35
CA LYS B 151 -0.13 -12.64 -49.76
C LYS B 151 -0.18 -13.97 -49.01
N ALA B 152 -0.76 -13.93 -47.81
CA ALA B 152 -0.86 -15.09 -46.93
C ALA B 152 -2.31 -15.50 -46.72
N ASP B 153 -2.49 -16.78 -46.41
CA ASP B 153 -3.82 -17.31 -46.11
C ASP B 153 -4.37 -16.69 -44.83
N LEU B 154 -5.64 -16.31 -44.89
CA LEU B 154 -6.29 -15.61 -43.77
C LEU B 154 -6.33 -16.45 -42.50
N ARG B 155 -6.40 -17.78 -42.64
CA ARG B 155 -6.45 -18.65 -41.47
C ARG B 155 -5.18 -18.54 -40.65
N LEU B 156 -4.03 -18.49 -41.32
CA LEU B 156 -2.75 -18.36 -40.62
C LEU B 156 -2.64 -16.99 -39.96
N ILE B 157 -3.12 -15.95 -40.64
CA ILE B 157 -3.17 -14.61 -40.04
C ILE B 157 -3.99 -14.64 -38.75
N TYR B 158 -5.16 -15.28 -38.80
CA TYR B 158 -5.97 -15.43 -37.58
C TYR B 158 -5.22 -16.19 -36.50
N LEU B 159 -4.46 -17.22 -36.89
CA LEU B 159 -3.68 -17.99 -35.92
C LEU B 159 -2.66 -17.09 -35.22
N ALA B 160 -1.96 -16.26 -36.00
CA ALA B 160 -0.97 -15.34 -35.44
C ALA B 160 -1.63 -14.35 -34.49
N LEU B 161 -2.69 -13.67 -34.96
CA LEU B 161 -3.39 -12.69 -34.13
C LEU B 161 -3.93 -13.33 -32.86
N ALA B 162 -4.48 -14.54 -32.96
CA ALA B 162 -5.02 -15.21 -31.78
C ALA B 162 -3.91 -15.57 -30.81
N HIS B 163 -2.74 -15.95 -31.30
CA HIS B 163 -1.64 -16.25 -30.39
C HIS B 163 -1.17 -14.98 -29.68
N MET B 164 -1.15 -13.86 -30.40
CA MET B 164 -0.71 -12.62 -29.76
C MET B 164 -1.76 -12.08 -28.79
N ILE B 165 -3.03 -12.39 -29.01
CA ILE B 165 -4.12 -11.90 -28.16
C ILE B 165 -4.34 -12.79 -26.94
N LYS B 166 -4.29 -14.13 -27.08
CA LYS B 166 -4.54 -15.01 -25.94
C LYS B 166 -3.55 -14.80 -24.80
N PHE B 167 -2.26 -14.72 -25.12
CA PHE B 167 -1.20 -14.44 -24.15
C PHE B 167 -0.54 -13.13 -24.54
N ARG B 168 -1.20 -12.03 -24.18
CA ARG B 168 -0.83 -10.73 -24.73
C ARG B 168 0.22 -10.01 -23.90
N GLY B 169 0.45 -10.43 -22.66
CA GLY B 169 1.43 -9.83 -21.79
C GLY B 169 0.83 -8.78 -20.88
N HIS B 170 1.68 -8.32 -19.96
CA HIS B 170 1.29 -7.45 -18.86
C HIS B 170 1.12 -6.00 -19.32
N PHE B 171 0.51 -5.19 -18.46
CA PHE B 171 0.23 -3.76 -18.68
C PHE B 171 0.86 -2.89 -17.60
N LEU B 172 2.04 -3.27 -17.12
CA LEU B 172 2.69 -2.52 -16.05
C LEU B 172 3.30 -1.21 -16.54
N ILE B 173 3.72 -1.14 -17.80
CA ILE B 173 4.32 0.05 -18.40
C ILE B 173 3.23 0.71 -19.25
N GLU B 174 2.97 1.98 -19.02
CA GLU B 174 1.93 2.71 -19.72
C GLU B 174 2.52 3.51 -20.88
N GLY B 175 1.86 3.43 -22.02
CA GLY B 175 2.27 4.14 -23.22
C GLY B 175 3.24 3.39 -24.11
N ASP B 176 3.74 4.14 -25.07
CA ASP B 176 4.71 3.65 -26.04
C ASP B 176 6.07 3.38 -25.38
N LEU B 177 6.82 2.47 -25.98
CA LEU B 177 8.13 2.13 -25.45
C LEU B 177 9.10 3.27 -25.75
N ASN B 178 9.84 3.69 -24.71
CA ASN B 178 10.80 4.77 -24.78
C ASN B 178 11.87 4.46 -23.75
N PRO B 179 13.10 4.97 -23.92
CA PRO B 179 14.18 4.64 -22.95
C PRO B 179 13.88 5.04 -21.51
N ASP B 180 13.01 6.03 -21.28
CA ASP B 180 12.71 6.45 -19.92
C ASP B 180 12.05 5.35 -19.10
N ASN B 181 11.25 4.49 -19.77
CA ASN B 181 10.53 3.38 -19.15
C ASN B 181 10.92 2.02 -19.73
N SER B 182 12.07 1.94 -20.43
CA SER B 182 12.52 0.71 -21.09
C SER B 182 14.01 0.41 -20.90
N ASP B 183 14.89 1.41 -20.82
CA ASP B 183 16.31 1.12 -20.67
C ASP B 183 16.60 0.59 -19.28
N VAL B 184 17.62 -0.27 -19.21
CA VAL B 184 17.99 -0.91 -17.94
C VAL B 184 18.49 0.10 -16.92
N ASP B 185 19.25 1.11 -17.37
CA ASP B 185 19.83 2.10 -16.48
C ASP B 185 18.78 2.86 -15.70
N LYS B 186 17.82 3.48 -16.41
CA LYS B 186 16.81 4.30 -15.76
C LYS B 186 15.96 3.48 -14.80
N LEU B 187 15.63 2.24 -15.15
CA LEU B 187 14.83 1.41 -14.26
C LEU B 187 15.64 0.91 -13.06
N PHE B 188 16.95 0.70 -13.22
CA PHE B 188 17.77 0.35 -12.06
C PHE B 188 17.83 1.53 -11.09
N ILE B 189 18.04 2.74 -11.62
CA ILE B 189 18.04 3.93 -10.77
C ILE B 189 16.68 4.10 -10.09
N GLN B 190 15.59 3.84 -10.81
CA GLN B 190 14.27 3.92 -10.20
C GLN B 190 14.09 2.87 -9.11
N LEU B 191 14.64 1.68 -9.31
CA LEU B 191 14.56 0.63 -8.29
C LEU B 191 15.28 1.04 -7.02
N VAL B 192 16.54 1.50 -7.16
CA VAL B 192 17.27 1.89 -5.95
C VAL B 192 16.71 3.17 -5.35
N GLN B 193 16.03 4.01 -6.14
CA GLN B 193 15.37 5.17 -5.59
C GLN B 193 14.18 4.76 -4.74
N THR B 194 13.39 3.79 -5.22
CA THR B 194 12.28 3.27 -4.44
C THR B 194 12.79 2.58 -3.18
N TYR B 195 13.93 1.88 -3.28
CA TYR B 195 14.51 1.23 -2.12
C TYR B 195 14.92 2.23 -1.06
N ASN B 196 15.71 3.24 -1.44
CA ASN B 196 16.15 4.25 -0.49
C ASN B 196 14.99 5.05 0.07
N GLN B 197 13.98 5.33 -0.76
CA GLN B 197 12.79 6.03 -0.30
C GLN B 197 12.00 5.21 0.73
N LEU B 198 11.91 3.89 0.53
CA LEU B 198 11.13 3.08 1.45
C LEU B 198 11.77 2.93 2.83
N PHE B 199 13.08 3.20 2.95
CA PHE B 199 13.76 3.20 4.25
C PHE B 199 14.31 4.58 4.59
N GLU B 200 15.18 5.15 3.74
CA GLU B 200 15.84 6.45 3.94
C GLU B 200 16.92 6.46 5.03
N GLU B 201 17.12 5.35 5.73
CA GLU B 201 18.22 5.15 6.65
C GLU B 201 18.79 3.78 6.38
N ASN B 202 20.10 3.64 6.58
CA ASN B 202 20.88 2.57 5.99
C ASN B 202 20.68 2.41 4.48
N PRO B 203 20.64 3.47 3.65
CA PRO B 203 20.33 3.25 2.23
C PRO B 203 21.57 2.91 1.42
N ILE B 204 21.32 2.36 0.24
CA ILE B 204 22.36 2.06 -0.74
C ILE B 204 22.37 3.20 -1.75
N ASN B 205 23.57 3.71 -2.06
CA ASN B 205 23.76 4.77 -3.04
C ASN B 205 24.52 4.21 -4.24
N ALA B 206 23.91 4.30 -5.41
CA ALA B 206 24.46 3.74 -6.66
C ALA B 206 24.46 4.84 -7.72
N SER B 207 25.63 5.41 -7.98
CA SER B 207 25.86 6.45 -8.97
C SER B 207 26.93 6.06 -9.98
N GLY B 208 28.03 5.46 -9.50
CA GLY B 208 29.11 5.03 -10.37
C GLY B 208 28.78 3.81 -11.20
N VAL B 209 27.79 3.01 -10.77
CA VAL B 209 27.48 1.75 -11.42
C VAL B 209 27.04 1.96 -12.86
N ASP B 210 27.40 0.99 -13.71
CA ASP B 210 27.00 0.92 -15.12
C ASP B 210 26.06 -0.27 -15.24
N ALA B 211 24.78 -0.02 -14.90
CA ALA B 211 23.76 -1.07 -14.83
C ALA B 211 23.61 -1.79 -16.16
N LYS B 212 23.74 -1.07 -17.28
CA LYS B 212 23.59 -1.69 -18.58
C LYS B 212 24.68 -2.73 -18.83
N ALA B 213 25.95 -2.35 -18.61
CA ALA B 213 27.06 -3.25 -18.88
C ALA B 213 27.01 -4.51 -18.02
N ILE B 214 26.47 -4.42 -16.81
CA ILE B 214 26.41 -5.55 -15.89
C ILE B 214 25.21 -6.43 -16.17
N LEU B 215 24.01 -5.83 -16.22
CA LEU B 215 22.78 -6.60 -16.36
C LEU B 215 22.56 -7.11 -17.78
N SER B 216 22.91 -6.34 -18.81
CA SER B 216 22.63 -6.75 -20.19
C SER B 216 23.70 -7.71 -20.75
N ALA B 217 24.82 -7.89 -20.06
CA ALA B 217 25.89 -8.77 -20.55
C ALA B 217 25.39 -10.20 -20.73
N ARG B 218 25.99 -10.90 -21.69
CA ARG B 218 25.59 -12.27 -22.02
C ARG B 218 26.33 -13.21 -21.09
N LEU B 219 25.71 -13.46 -19.93
CA LEU B 219 26.25 -14.36 -18.93
C LEU B 219 25.07 -14.95 -18.16
N SER B 220 25.39 -15.89 -17.27
CA SER B 220 24.38 -16.54 -16.45
C SER B 220 23.76 -15.53 -15.49
N LYS B 221 22.56 -15.86 -15.01
CA LYS B 221 21.79 -14.97 -14.15
C LYS B 221 22.55 -14.72 -12.86
N SER B 222 23.01 -15.81 -12.22
CA SER B 222 23.71 -15.72 -10.95
C SER B 222 25.01 -14.94 -11.11
N ARG B 223 25.70 -15.09 -12.24
CA ARG B 223 26.94 -14.37 -12.45
C ARG B 223 26.68 -12.88 -12.67
N ARG B 224 25.53 -12.54 -13.27
CA ARG B 224 25.16 -11.13 -13.40
C ARG B 224 24.85 -10.54 -12.04
N LEU B 225 24.12 -11.30 -11.20
CA LEU B 225 23.83 -10.88 -9.84
C LEU B 225 25.12 -10.63 -9.06
N GLU B 226 26.05 -11.58 -9.11
CA GLU B 226 27.31 -11.42 -8.39
C GLU B 226 28.11 -10.25 -8.92
N ASN B 227 28.09 -10.03 -10.24
CA ASN B 227 28.81 -8.90 -10.81
C ASN B 227 28.23 -7.57 -10.38
N LEU B 228 26.89 -7.47 -10.27
CA LEU B 228 26.30 -6.23 -9.79
C LEU B 228 26.52 -6.02 -8.29
N ILE B 229 26.45 -7.10 -7.50
CA ILE B 229 26.70 -6.98 -6.05
C ILE B 229 28.13 -6.54 -5.81
N ALA B 230 29.08 -7.05 -6.61
CA ALA B 230 30.50 -6.67 -6.43
C ALA B 230 30.71 -5.17 -6.62
N GLN B 231 29.85 -4.51 -7.39
CA GLN B 231 29.91 -3.08 -7.64
C GLN B 231 29.25 -2.26 -6.54
N LEU B 232 28.57 -2.91 -5.59
CA LEU B 232 27.89 -2.28 -4.45
C LEU B 232 28.52 -2.86 -3.18
N PRO B 233 29.49 -2.17 -2.54
CA PRO B 233 30.14 -2.78 -1.36
C PRO B 233 29.24 -2.88 -0.13
N GLY B 234 28.22 -2.03 -0.01
CA GLY B 234 27.37 -2.06 1.17
C GLY B 234 26.30 -3.14 1.17
N GLU B 235 25.89 -3.63 0.00
CA GLU B 235 24.86 -4.65 -0.12
C GLU B 235 25.49 -5.98 -0.52
N LYS B 236 24.78 -7.06 -0.14
CA LYS B 236 25.17 -8.45 -0.38
C LYS B 236 24.03 -9.18 -1.10
N LYS B 237 24.33 -10.39 -1.60
CA LYS B 237 23.35 -11.12 -2.41
C LYS B 237 22.13 -11.54 -1.60
N ASN B 238 22.29 -11.83 -0.31
CA ASN B 238 21.17 -12.25 0.52
C ASN B 238 20.40 -11.09 1.11
N GLY B 239 20.78 -9.84 0.83
CA GLY B 239 20.06 -8.70 1.33
C GLY B 239 18.77 -8.54 0.55
N LEU B 240 17.98 -7.55 0.99
CA LEU B 240 16.71 -7.29 0.32
C LEU B 240 16.95 -6.83 -1.11
N PHE B 241 17.82 -5.84 -1.30
CA PHE B 241 18.10 -5.35 -2.64
C PHE B 241 18.75 -6.43 -3.51
N GLY B 242 19.63 -7.24 -2.92
CA GLY B 242 20.24 -8.32 -3.66
C GLY B 242 19.22 -9.36 -4.11
N ASN B 243 18.27 -9.67 -3.23
CA ASN B 243 17.20 -10.59 -3.58
C ASN B 243 16.28 -9.99 -4.64
N LEU B 244 16.11 -8.67 -4.63
CA LEU B 244 15.31 -8.02 -5.67
C LEU B 244 15.99 -8.11 -7.03
N ILE B 245 17.30 -7.88 -7.06
CA ILE B 245 18.04 -8.03 -8.31
C ILE B 245 17.98 -9.48 -8.79
N ALA B 246 18.14 -10.43 -7.87
CA ALA B 246 18.02 -11.85 -8.23
C ALA B 246 16.64 -12.15 -8.81
N LEU B 247 15.60 -11.53 -8.24
CA LEU B 247 14.26 -11.71 -8.77
C LEU B 247 14.13 -11.11 -10.16
N SER B 248 14.74 -9.94 -10.38
CA SER B 248 14.64 -9.29 -11.67
C SER B 248 15.43 -10.01 -12.76
N LEU B 249 16.48 -10.76 -12.37
CA LEU B 249 17.30 -11.49 -13.34
C LEU B 249 16.70 -12.82 -13.77
N GLY B 250 15.79 -13.38 -12.97
CA GLY B 250 15.14 -14.64 -13.28
C GLY B 250 15.46 -15.77 -12.32
N LEU B 251 16.05 -15.48 -11.17
CA LEU B 251 16.40 -16.47 -10.17
C LEU B 251 15.17 -16.68 -9.27
N THR B 252 15.33 -17.52 -8.24
CA THR B 252 14.27 -17.81 -7.26
C THR B 252 14.79 -17.44 -5.87
N PRO B 253 14.72 -16.16 -5.49
CA PRO B 253 15.19 -15.75 -4.17
C PRO B 253 14.17 -16.05 -3.07
N ASN B 254 14.70 -16.20 -1.85
CA ASN B 254 13.92 -16.47 -0.64
C ASN B 254 14.04 -15.25 0.27
N PHE B 255 12.90 -14.65 0.58
CA PHE B 255 12.79 -13.41 1.36
C PHE B 255 12.58 -13.62 2.85
N LYS B 256 12.77 -14.84 3.38
CA LYS B 256 12.59 -15.07 4.81
C LYS B 256 13.58 -14.29 5.65
N SER B 257 14.87 -14.34 5.30
CA SER B 257 15.85 -13.63 6.12
C SER B 257 15.68 -12.12 6.07
N ASN B 258 15.14 -11.59 4.97
CA ASN B 258 15.00 -10.14 4.89
C ASN B 258 13.85 -9.64 5.76
N PHE B 259 12.84 -10.49 6.01
CA PHE B 259 11.65 -10.13 6.78
C PHE B 259 11.36 -11.08 7.94
N ASP B 260 12.26 -12.02 8.25
CA ASP B 260 12.12 -12.97 9.36
C ASP B 260 10.81 -13.79 9.28
N LEU B 261 10.33 -14.09 8.07
CA LEU B 261 9.10 -14.87 7.96
C LEU B 261 9.28 -16.32 8.38
N ALA B 262 8.21 -16.89 8.95
CA ALA B 262 8.24 -18.29 9.39
C ALA B 262 8.23 -19.27 8.23
N GLU B 263 7.37 -19.04 7.24
CA GLU B 263 7.21 -19.88 6.05
C GLU B 263 8.00 -19.33 4.87
N ASP B 264 8.66 -20.24 4.14
CA ASP B 264 9.45 -19.80 2.99
C ASP B 264 8.54 -19.29 1.88
N ALA B 265 8.87 -18.11 1.38
CA ALA B 265 8.14 -17.44 0.29
C ALA B 265 9.12 -17.28 -0.87
N LYS B 266 8.99 -18.13 -1.88
CA LYS B 266 9.85 -18.09 -3.06
C LYS B 266 9.08 -17.46 -4.20
N LEU B 267 9.75 -16.58 -4.94
CA LEU B 267 9.19 -15.85 -6.06
C LEU B 267 10.02 -16.07 -7.31
N GLN B 268 9.33 -16.27 -8.42
CA GLN B 268 9.93 -16.42 -9.74
C GLN B 268 9.00 -15.69 -10.68
N LEU B 269 9.51 -14.64 -11.36
CA LEU B 269 8.67 -13.81 -12.21
C LEU B 269 8.07 -14.63 -13.35
N SER B 270 8.85 -15.58 -13.85
CA SER B 270 8.41 -16.45 -14.95
C SER B 270 7.34 -17.45 -14.51
N LYS B 271 7.29 -17.82 -13.24
CA LYS B 271 6.29 -18.78 -12.78
C LYS B 271 4.88 -18.19 -12.91
N ASP B 272 3.94 -19.05 -13.36
CA ASP B 272 2.58 -18.59 -13.59
C ASP B 272 1.87 -18.19 -12.29
N THR B 273 2.26 -18.79 -11.16
CA THR B 273 1.65 -18.51 -9.86
C THR B 273 2.43 -17.44 -9.09
N TYR B 274 3.09 -16.51 -9.79
CA TYR B 274 3.85 -15.49 -9.10
C TYR B 274 2.98 -14.43 -8.47
N ASP B 275 1.90 -14.04 -9.16
CA ASP B 275 1.10 -12.90 -8.74
C ASP B 275 0.46 -13.18 -7.39
N ASP B 276 -0.20 -14.33 -7.28
CA ASP B 276 -0.85 -14.70 -6.03
C ASP B 276 0.20 -14.97 -4.97
N ASP B 277 1.38 -15.45 -5.37
CA ASP B 277 2.47 -15.64 -4.42
C ASP B 277 2.91 -14.30 -3.87
N LEU B 278 3.04 -13.30 -4.75
CA LEU B 278 3.38 -11.97 -4.30
C LEU B 278 2.29 -11.42 -3.39
N ASP B 279 1.03 -11.77 -3.70
CA ASP B 279 -0.08 -11.30 -2.89
C ASP B 279 -0.05 -11.97 -1.53
N ASN B 280 0.40 -13.24 -1.50
CA ASN B 280 0.57 -13.91 -0.23
C ASN B 280 1.69 -13.26 0.56
N LEU B 281 2.85 -13.05 -0.09
CA LEU B 281 4.01 -12.41 0.52
C LEU B 281 3.69 -11.05 1.12
N LEU B 282 3.06 -10.20 0.32
CA LEU B 282 2.67 -8.85 0.77
C LEU B 282 1.74 -8.90 1.98
N ALA B 283 0.86 -9.93 2.05
CA ALA B 283 -0.04 -10.09 3.19
C ALA B 283 0.73 -10.32 4.46
N GLN B 284 1.90 -10.95 4.37
CA GLN B 284 2.69 -11.19 5.55
C GLN B 284 3.43 -9.93 5.99
N ILE B 285 3.97 -9.14 5.04
CA ILE B 285 4.85 -8.01 5.40
C ILE B 285 4.21 -6.65 5.16
N GLY B 286 2.99 -6.58 4.65
CA GLY B 286 2.34 -5.30 4.42
C GLY B 286 2.51 -4.88 2.97
N ASP B 287 1.66 -3.97 2.53
CA ASP B 287 1.66 -3.53 1.14
C ASP B 287 2.56 -2.31 0.88
N GLN B 288 3.36 -1.89 1.87
CA GLN B 288 4.26 -0.77 1.65
C GLN B 288 5.41 -1.19 0.73
N TYR B 289 5.76 -2.47 0.74
CA TYR B 289 6.84 -3.00 -0.05
C TYR B 289 6.36 -3.43 -1.43
N ALA B 290 5.07 -3.19 -1.77
CA ALA B 290 4.53 -3.66 -3.05
C ALA B 290 5.28 -3.07 -4.23
N ASP B 291 5.45 -1.74 -4.23
CA ASP B 291 6.13 -1.06 -5.33
C ASP B 291 7.57 -1.51 -5.50
N LEU B 292 8.19 -1.97 -4.39
CA LEU B 292 9.54 -2.46 -4.45
C LEU B 292 9.60 -3.67 -5.38
N PHE B 293 8.74 -4.65 -5.13
CA PHE B 293 8.72 -5.83 -5.99
C PHE B 293 8.27 -5.46 -7.40
N LEU B 294 7.40 -4.45 -7.52
CA LEU B 294 7.00 -3.97 -8.85
C LEU B 294 8.19 -3.42 -9.61
N ALA B 295 9.03 -2.63 -8.92
CA ALA B 295 10.22 -2.11 -9.57
C ALA B 295 11.15 -3.24 -10.01
N ALA B 296 11.24 -4.31 -9.21
CA ALA B 296 12.04 -5.47 -9.60
C ALA B 296 11.52 -6.06 -10.91
N LYS B 297 10.19 -6.19 -11.00
CA LYS B 297 9.55 -6.71 -12.21
C LYS B 297 9.88 -5.79 -13.39
N ASN B 298 9.77 -4.48 -13.17
CA ASN B 298 10.10 -3.51 -14.21
C ASN B 298 11.53 -3.67 -14.69
N LEU B 299 12.49 -3.84 -13.74
CA LEU B 299 13.88 -4.05 -14.11
C LEU B 299 14.05 -5.28 -14.99
N SER B 300 13.30 -6.35 -14.69
CA SER B 300 13.36 -7.58 -15.47
C SER B 300 12.94 -7.32 -16.90
N ASP B 301 11.84 -6.58 -17.07
CA ASP B 301 11.33 -6.24 -18.39
C ASP B 301 12.37 -5.48 -19.20
N ALA B 302 13.11 -4.57 -18.53
CA ALA B 302 14.16 -3.81 -19.20
C ALA B 302 15.24 -4.74 -19.71
N ILE B 303 15.66 -5.69 -18.88
CA ILE B 303 16.70 -6.63 -19.25
C ILE B 303 16.23 -7.46 -20.44
N LEU B 304 14.96 -7.90 -20.39
CA LEU B 304 14.42 -8.66 -21.51
C LEU B 304 14.38 -7.80 -22.76
N LEU B 305 13.95 -6.54 -22.61
CA LEU B 305 13.91 -5.64 -23.75
C LEU B 305 15.31 -5.41 -24.29
N SER B 306 16.33 -5.42 -23.41
CA SER B 306 17.70 -5.28 -23.88
C SER B 306 18.24 -6.59 -24.46
N ASP B 307 17.73 -7.73 -24.00
CA ASP B 307 18.22 -9.01 -24.52
C ASP B 307 17.70 -9.32 -25.91
N ILE B 308 16.47 -8.90 -26.24
CA ILE B 308 15.94 -9.08 -27.59
C ILE B 308 16.44 -8.01 -28.56
N LEU B 309 16.55 -6.75 -28.13
CA LEU B 309 17.04 -5.71 -29.03
C LEU B 309 18.54 -5.80 -29.29
N ARG B 310 19.28 -6.65 -28.56
CA ARG B 310 20.70 -6.84 -28.79
C ARG B 310 20.97 -7.32 -30.22
N VAL B 311 20.29 -8.40 -30.62
CA VAL B 311 20.50 -8.99 -31.93
C VAL B 311 19.56 -8.30 -32.91
N ASN B 312 20.14 -7.72 -33.97
CA ASN B 312 19.42 -7.02 -35.03
C ASN B 312 19.92 -7.56 -36.37
N THR B 313 19.36 -8.69 -36.79
CA THR B 313 19.67 -9.21 -38.12
C THR B 313 19.13 -8.29 -39.21
N GLU B 314 18.01 -7.61 -38.94
CA GLU B 314 17.52 -6.49 -39.74
C GLU B 314 17.50 -5.25 -38.87
N ILE B 315 17.29 -4.10 -39.51
CA ILE B 315 17.37 -2.83 -38.80
C ILE B 315 16.21 -2.71 -37.80
N THR B 316 14.99 -3.00 -38.26
CA THR B 316 13.80 -3.04 -37.43
C THR B 316 13.01 -4.29 -37.80
N LYS B 317 12.59 -5.05 -36.79
CA LYS B 317 12.01 -6.37 -36.99
C LYS B 317 11.03 -6.62 -35.85
N ALA B 318 10.54 -7.87 -35.78
CA ALA B 318 9.77 -8.36 -34.65
C ALA B 318 10.75 -9.04 -33.68
N PRO B 319 11.30 -8.32 -32.68
CA PRO B 319 12.38 -8.90 -31.84
C PRO B 319 12.03 -10.21 -31.15
N LEU B 320 10.80 -10.34 -30.63
CA LEU B 320 10.39 -11.54 -29.91
C LEU B 320 10.37 -12.76 -30.83
N SER B 321 9.67 -12.66 -31.96
CA SER B 321 9.59 -13.78 -32.89
C SER B 321 10.95 -14.16 -33.43
N ALA B 322 11.78 -13.16 -33.77
CA ALA B 322 13.13 -13.44 -34.25
C ALA B 322 13.96 -14.15 -33.18
N SER B 323 13.80 -13.74 -31.92
CA SER B 323 14.51 -14.40 -30.84
C SER B 323 14.05 -15.83 -30.67
N MET B 324 12.75 -16.09 -30.76
CA MET B 324 12.25 -17.46 -30.68
C MET B 324 12.75 -18.31 -31.86
N ILE B 325 12.82 -17.75 -33.06
CA ILE B 325 13.38 -18.50 -34.19
C ILE B 325 14.84 -18.83 -33.94
N LYS B 326 15.62 -17.84 -33.50
CA LYS B 326 17.03 -18.11 -33.20
C LYS B 326 17.16 -19.17 -32.12
N ARG B 327 16.25 -19.14 -31.13
CA ARG B 327 16.22 -20.17 -30.10
C ARG B 327 15.90 -21.53 -30.72
N TYR B 328 14.98 -21.55 -31.69
CA TYR B 328 14.64 -22.77 -32.41
C TYR B 328 15.83 -23.31 -33.18
N ASP B 329 16.51 -22.43 -33.92
CA ASP B 329 17.67 -22.81 -34.70
C ASP B 329 18.74 -23.42 -33.81
N GLU B 330 19.06 -22.72 -32.71
CA GLU B 330 20.04 -23.26 -31.77
C GLU B 330 19.59 -24.60 -31.21
N HIS B 331 18.28 -24.74 -30.91
CA HIS B 331 17.73 -26.01 -30.47
C HIS B 331 17.95 -27.11 -31.50
N HIS B 332 17.66 -26.82 -32.78
CA HIS B 332 17.84 -27.82 -33.84
C HIS B 332 19.28 -28.23 -33.99
N GLN B 333 20.19 -27.25 -34.09
CA GLN B 333 21.62 -27.56 -34.21
C GLN B 333 22.13 -28.38 -33.04
N ASP B 334 21.90 -27.88 -31.81
CA ASP B 334 22.36 -28.60 -30.62
C ASP B 334 21.73 -29.98 -30.51
N LEU B 335 20.47 -30.12 -30.93
CA LEU B 335 19.80 -31.41 -30.88
C LEU B 335 20.42 -32.41 -31.84
N THR B 336 20.53 -32.04 -33.13
CA THR B 336 21.11 -32.95 -34.11
C THR B 336 22.56 -33.29 -33.76
N LEU B 337 23.33 -32.30 -33.30
CA LEU B 337 24.71 -32.58 -32.89
C LEU B 337 24.75 -33.53 -31.70
N LEU B 338 23.87 -33.33 -30.72
CA LEU B 338 23.83 -34.22 -29.56
C LEU B 338 23.48 -35.64 -29.95
N LYS B 339 22.43 -35.83 -30.76
CA LYS B 339 22.06 -37.18 -31.19
C LYS B 339 23.18 -37.83 -32.00
N ALA B 340 23.83 -37.07 -32.88
CA ALA B 340 24.95 -37.63 -33.66
C ALA B 340 26.09 -38.08 -32.75
N LEU B 341 26.52 -37.20 -31.83
CA LEU B 341 27.61 -37.54 -30.92
C LEU B 341 27.25 -38.72 -30.02
N VAL B 342 26.04 -38.72 -29.45
CA VAL B 342 25.62 -39.81 -28.57
C VAL B 342 25.56 -41.13 -29.33
N ARG B 343 24.89 -41.14 -30.49
CA ARG B 343 24.80 -42.38 -31.28
C ARG B 343 26.16 -42.89 -31.71
N GLN B 344 27.09 -41.98 -32.04
CA GLN B 344 28.41 -42.43 -32.45
C GLN B 344 29.20 -42.97 -31.26
N GLN B 345 29.32 -42.18 -30.19
CA GLN B 345 30.22 -42.46 -29.08
C GLN B 345 29.59 -43.25 -27.92
N LEU B 346 28.32 -42.99 -27.57
CA LEU B 346 27.65 -43.61 -26.42
C LEU B 346 26.33 -44.26 -26.81
N PRO B 347 26.36 -45.47 -27.39
CA PRO B 347 25.10 -46.14 -27.77
C PRO B 347 24.22 -46.46 -26.56
N GLU B 348 24.84 -46.80 -25.44
CA GLU B 348 24.14 -47.15 -24.21
C GLU B 348 23.45 -45.93 -23.59
N LYS B 349 22.44 -46.23 -22.78
CA LYS B 349 21.63 -45.27 -22.01
C LYS B 349 20.86 -44.28 -22.89
N TYR B 350 20.69 -44.58 -24.18
CA TYR B 350 19.89 -43.71 -25.04
C TYR B 350 18.43 -43.75 -24.61
N LYS B 351 17.97 -44.94 -24.20
CA LYS B 351 16.59 -45.13 -23.76
C LYS B 351 16.32 -44.34 -22.49
N GLU B 352 17.30 -44.21 -21.61
CA GLU B 352 17.09 -43.45 -20.38
C GLU B 352 16.83 -41.98 -20.67
N ILE B 353 17.36 -41.47 -21.78
CA ILE B 353 17.21 -40.05 -22.13
C ILE B 353 15.95 -39.82 -22.95
N PHE B 354 15.62 -40.75 -23.86
CA PHE B 354 14.53 -40.54 -24.83
C PHE B 354 13.34 -41.48 -24.73
N PHE B 355 13.34 -42.44 -23.78
CA PHE B 355 12.26 -43.43 -23.68
C PHE B 355 11.74 -43.61 -22.25
N ASP B 356 12.60 -43.47 -21.24
CA ASP B 356 12.19 -43.78 -19.88
C ASP B 356 11.17 -42.78 -19.35
N GLN B 357 11.47 -41.47 -19.45
CA GLN B 357 10.63 -40.33 -19.07
C GLN B 357 10.23 -40.19 -17.60
N SER B 358 10.47 -41.20 -16.75
CA SER B 358 10.13 -41.13 -15.33
C SER B 358 11.16 -40.38 -14.49
N LYS B 359 12.42 -40.31 -14.92
CA LYS B 359 13.49 -39.65 -14.18
C LYS B 359 13.95 -38.34 -14.82
N ASN B 360 13.00 -37.58 -15.37
CA ASN B 360 13.27 -36.26 -15.97
C ASN B 360 14.35 -36.28 -17.06
N GLY B 361 14.16 -37.14 -18.06
CA GLY B 361 15.01 -37.17 -19.22
C GLY B 361 14.50 -36.22 -20.29
N TYR B 362 14.94 -36.45 -21.53
CA TYR B 362 14.39 -35.67 -22.63
C TYR B 362 12.93 -36.04 -22.88
N ALA B 363 12.59 -37.33 -22.73
CA ALA B 363 11.20 -37.74 -22.85
C ALA B 363 10.36 -37.18 -21.72
N GLY B 364 10.96 -36.95 -20.55
CA GLY B 364 10.25 -36.28 -19.47
C GLY B 364 10.16 -34.79 -19.72
N TYR B 365 11.15 -34.24 -20.42
CA TYR B 365 11.13 -32.82 -20.75
C TYR B 365 10.07 -32.51 -21.80
N ILE B 366 9.80 -33.44 -22.70
CA ILE B 366 8.86 -33.25 -23.81
C ILE B 366 7.50 -33.83 -23.48
N ASP B 367 7.46 -35.08 -22.99
CA ASP B 367 6.20 -35.78 -22.75
C ASP B 367 5.78 -35.85 -21.28
N GLY B 368 6.70 -35.57 -20.34
CA GLY B 368 6.42 -35.62 -18.93
C GLY B 368 6.38 -34.25 -18.27
N GLY B 369 6.05 -34.27 -16.98
CA GLY B 369 5.97 -33.08 -16.17
C GLY B 369 7.33 -32.72 -15.60
N ALA B 370 8.28 -32.36 -16.47
CA ALA B 370 9.65 -32.00 -16.09
C ALA B 370 9.95 -30.60 -16.61
N SER B 371 10.29 -29.70 -15.70
CA SER B 371 10.59 -28.32 -16.07
C SER B 371 11.95 -28.23 -16.75
N GLN B 372 12.25 -27.04 -17.27
CA GLN B 372 13.50 -26.81 -17.97
C GLN B 372 14.69 -26.94 -17.03
N GLU B 373 14.55 -26.46 -15.79
CA GLU B 373 15.68 -26.54 -14.85
C GLU B 373 15.96 -27.98 -14.45
N GLU B 374 14.92 -28.81 -14.34
CA GLU B 374 15.14 -30.22 -14.01
C GLU B 374 15.83 -30.93 -15.17
N PHE B 375 15.39 -30.65 -16.40
CA PHE B 375 16.02 -31.24 -17.57
C PHE B 375 17.48 -30.83 -17.70
N TYR B 376 17.78 -29.55 -17.42
CA TYR B 376 19.17 -29.09 -17.46
C TYR B 376 20.00 -29.78 -16.39
N LYS B 377 19.43 -29.92 -15.18
CA LYS B 377 20.16 -30.57 -14.09
C LYS B 377 20.40 -32.04 -14.42
N PHE B 378 19.52 -32.65 -15.22
CA PHE B 378 19.67 -34.05 -15.56
C PHE B 378 20.70 -34.25 -16.66
N ILE B 379 20.76 -33.35 -17.65
CA ILE B 379 21.63 -33.55 -18.81
C ILE B 379 22.98 -32.85 -18.67
N LYS B 380 23.22 -32.11 -17.56
CA LYS B 380 24.52 -31.45 -17.41
C LYS B 380 25.67 -32.45 -17.28
N PRO B 381 25.60 -33.49 -16.44
CA PRO B 381 26.76 -34.41 -16.38
C PRO B 381 26.96 -35.20 -17.66
N ILE B 382 25.91 -35.49 -18.41
CA ILE B 382 26.06 -36.21 -19.67
C ILE B 382 26.85 -35.37 -20.67
N LEU B 383 26.54 -34.08 -20.76
CA LEU B 383 27.30 -33.20 -21.61
C LEU B 383 28.72 -32.98 -21.09
N GLU B 384 28.89 -32.94 -19.76
CA GLU B 384 30.22 -32.78 -19.21
C GLU B 384 31.12 -33.98 -19.50
N LYS B 385 30.55 -35.18 -19.52
CA LYS B 385 31.38 -36.37 -19.73
C LYS B 385 31.81 -36.54 -21.19
N MET B 386 30.94 -36.24 -22.14
CA MET B 386 31.24 -36.52 -23.53
C MET B 386 32.29 -35.57 -24.08
N ASP B 387 32.97 -36.01 -25.14
CA ASP B 387 33.93 -35.22 -25.88
C ASP B 387 33.25 -34.50 -27.04
N GLY B 388 33.87 -33.43 -27.51
CA GLY B 388 33.28 -32.64 -28.57
C GLY B 388 32.06 -31.85 -28.14
N THR B 389 31.95 -31.55 -26.85
CA THR B 389 30.83 -30.83 -26.26
C THR B 389 31.08 -29.33 -26.10
N GLU B 390 32.05 -28.77 -26.83
CA GLU B 390 32.20 -27.32 -26.79
C GLU B 390 30.96 -26.69 -27.43
N GLU B 391 30.77 -25.38 -27.22
CA GLU B 391 29.65 -24.59 -27.73
C GLU B 391 28.29 -24.94 -27.10
N LEU B 392 27.99 -26.21 -26.82
CA LEU B 392 26.76 -26.59 -26.14
C LEU B 392 26.78 -26.14 -24.68
N LEU B 393 27.96 -26.13 -24.05
CA LEU B 393 28.03 -25.75 -22.64
C LEU B 393 27.94 -24.24 -22.42
N VAL B 394 28.47 -23.42 -23.34
CA VAL B 394 28.33 -21.97 -23.14
C VAL B 394 26.86 -21.57 -23.31
N LYS B 395 26.10 -22.31 -24.13
CA LYS B 395 24.67 -22.09 -24.26
C LYS B 395 23.92 -22.64 -23.06
N LEU B 396 24.40 -23.74 -22.48
CA LEU B 396 23.73 -24.34 -21.34
C LEU B 396 23.88 -23.46 -20.10
N ASN B 397 25.09 -22.92 -19.88
CA ASN B 397 25.32 -22.05 -18.74
C ASN B 397 24.51 -20.76 -18.86
N ARG B 398 24.22 -20.33 -20.09
CA ARG B 398 23.38 -19.15 -20.30
C ARG B 398 21.89 -19.49 -20.23
N GLU B 399 21.53 -20.74 -19.87
CA GLU B 399 20.14 -21.20 -19.79
C GLU B 399 19.39 -20.98 -21.11
N ASP B 400 20.09 -21.23 -22.22
CA ASP B 400 19.55 -21.13 -23.57
C ASP B 400 20.03 -22.31 -24.41
N LEU B 401 19.81 -23.53 -23.91
CA LEU B 401 20.18 -24.77 -24.60
C LEU B 401 18.95 -25.66 -24.75
N LEU B 402 18.61 -25.96 -26.01
CA LEU B 402 17.46 -26.80 -26.38
C LEU B 402 16.14 -26.31 -25.78
N ARG B 403 15.96 -24.99 -25.75
CA ARG B 403 14.76 -24.41 -25.18
C ARG B 403 13.54 -24.67 -26.05
N LYS B 404 12.37 -24.78 -25.41
CA LYS B 404 11.12 -24.85 -26.16
C LYS B 404 10.63 -23.43 -26.45
N GLN B 405 9.66 -23.35 -27.37
CA GLN B 405 9.08 -22.06 -27.74
C GLN B 405 7.96 -21.65 -26.79
N ARG B 406 7.33 -22.61 -26.12
CA ARG B 406 6.27 -22.37 -25.15
C ARG B 406 6.88 -22.75 -23.81
N THR B 407 7.38 -21.74 -23.09
CA THR B 407 8.01 -21.96 -21.80
C THR B 407 7.46 -20.98 -20.78
N PHE B 408 7.98 -21.11 -19.55
CA PHE B 408 7.55 -20.29 -18.43
C PHE B 408 8.02 -18.84 -18.52
N ASP B 409 9.00 -18.51 -19.38
CA ASP B 409 9.48 -17.13 -19.43
C ASP B 409 8.50 -16.15 -20.07
N ASN B 410 7.57 -16.63 -20.92
CA ASN B 410 6.75 -15.68 -21.67
C ASN B 410 5.80 -14.84 -20.82
N GLY B 411 5.66 -15.10 -19.52
CA GLY B 411 4.83 -14.26 -18.69
C GLY B 411 5.41 -12.86 -18.55
N SER B 412 6.73 -12.73 -18.71
CA SER B 412 7.47 -11.49 -18.57
C SER B 412 7.39 -10.57 -19.80
N ILE B 413 6.89 -11.04 -20.93
CA ILE B 413 6.81 -10.24 -22.15
C ILE B 413 5.79 -9.11 -22.04
N PRO B 414 6.16 -7.83 -22.12
CA PRO B 414 5.15 -6.76 -22.03
C PRO B 414 4.28 -6.73 -23.28
N HIS B 415 3.11 -6.10 -23.13
CA HIS B 415 2.16 -6.06 -24.25
C HIS B 415 2.54 -5.05 -25.32
N GLN B 416 3.44 -4.10 -25.04
CA GLN B 416 3.82 -3.14 -26.07
C GLN B 416 4.55 -3.82 -27.22
N ILE B 417 5.25 -4.93 -26.94
CA ILE B 417 5.95 -5.68 -27.96
C ILE B 417 4.93 -6.31 -28.91
N HIS B 418 3.97 -7.06 -28.35
CA HIS B 418 2.92 -7.65 -29.14
C HIS B 418 2.12 -6.59 -29.89
N LEU B 419 1.89 -5.43 -29.27
CA LEU B 419 1.20 -4.33 -29.96
C LEU B 419 2.01 -3.84 -31.15
N GLY B 420 3.33 -3.74 -30.98
CA GLY B 420 4.20 -3.32 -32.08
C GLY B 420 4.15 -4.30 -33.23
N GLU B 421 4.29 -5.60 -32.92
CA GLU B 421 4.27 -6.61 -33.95
C GLU B 421 2.91 -6.69 -34.63
N LEU B 422 1.84 -6.50 -33.86
CA LEU B 422 0.49 -6.52 -34.43
C LEU B 422 0.33 -5.35 -35.40
N HIS B 423 0.80 -4.17 -35.00
CA HIS B 423 0.77 -3.00 -35.89
C HIS B 423 1.58 -3.28 -37.15
N ALA B 424 2.73 -3.94 -37.01
CA ALA B 424 3.57 -4.27 -38.15
C ALA B 424 2.83 -5.20 -39.12
N ILE B 425 2.21 -6.27 -38.61
CA ILE B 425 1.48 -7.20 -39.46
C ILE B 425 0.33 -6.48 -40.15
N LEU B 426 -0.42 -5.67 -39.41
CA LEU B 426 -1.52 -4.90 -40.01
C LEU B 426 -1.01 -3.96 -41.10
N ARG B 427 0.18 -3.38 -40.91
CA ARG B 427 0.74 -2.46 -41.90
C ARG B 427 1.20 -3.21 -43.15
N ARG B 428 1.71 -4.43 -42.98
CA ARG B 428 2.19 -5.21 -44.12
C ARG B 428 1.04 -5.66 -45.01
N GLN B 429 -0.08 -6.06 -44.40
CA GLN B 429 -1.25 -6.57 -45.09
C GLN B 429 -2.35 -5.52 -45.17
N GLU B 430 -1.99 -4.24 -45.09
CA GLU B 430 -2.99 -3.18 -45.08
C GLU B 430 -3.65 -2.97 -46.44
N ASP B 431 -2.84 -2.86 -47.50
CA ASP B 431 -3.39 -2.62 -48.84
C ASP B 431 -4.04 -3.86 -49.45
N PHE B 432 -3.54 -5.04 -49.09
CA PHE B 432 -4.05 -6.29 -49.65
C PHE B 432 -5.46 -6.62 -49.15
N TYR B 433 -5.76 -6.36 -47.88
CA TYR B 433 -7.09 -6.60 -47.30
C TYR B 433 -7.77 -5.33 -46.78
N PRO B 434 -8.76 -4.74 -47.49
CA PRO B 434 -9.40 -3.50 -47.00
C PRO B 434 -10.01 -3.58 -45.62
N PHE B 435 -10.53 -4.74 -45.21
CA PHE B 435 -11.18 -4.84 -43.92
C PHE B 435 -10.18 -4.75 -42.77
N LEU B 436 -8.89 -4.96 -43.03
CA LEU B 436 -7.89 -4.65 -42.02
C LEU B 436 -7.81 -3.14 -41.84
N LYS B 437 -7.99 -2.38 -42.92
CA LYS B 437 -8.02 -0.92 -42.82
C LYS B 437 -9.27 -0.47 -42.07
N ASP B 438 -10.38 -1.15 -42.32
CA ASP B 438 -11.65 -0.82 -41.69
C ASP B 438 -11.67 -1.17 -40.21
N ASN B 439 -10.91 -2.21 -39.79
CA ASN B 439 -10.93 -2.74 -38.42
C ASN B 439 -9.58 -2.63 -37.72
N ARG B 440 -8.78 -1.58 -38.01
CA ARG B 440 -7.50 -1.43 -37.32
C ARG B 440 -7.72 -1.13 -35.83
N GLU B 441 -8.48 -0.05 -35.55
CA GLU B 441 -8.72 0.36 -34.17
C GLU B 441 -9.46 -0.70 -33.36
N LYS B 442 -10.27 -1.54 -34.02
CA LYS B 442 -10.96 -2.61 -33.30
C LYS B 442 -9.98 -3.64 -32.75
N ILE B 443 -9.11 -4.16 -33.61
CA ILE B 443 -8.11 -5.13 -33.20
C ILE B 443 -7.16 -4.52 -32.16
N GLU B 444 -6.69 -3.30 -32.44
CA GLU B 444 -5.84 -2.58 -31.48
C GLU B 444 -6.52 -2.46 -30.11
N LYS B 445 -7.82 -2.17 -30.08
CA LYS B 445 -8.53 -2.07 -28.81
C LYS B 445 -8.62 -3.43 -28.14
N ILE B 446 -8.82 -4.50 -28.92
CA ILE B 446 -8.84 -5.85 -28.37
C ILE B 446 -7.52 -6.19 -27.69
N LEU B 447 -6.41 -5.84 -28.31
CA LEU B 447 -5.12 -6.13 -27.69
C LEU B 447 -4.89 -5.25 -26.47
N THR B 448 -5.22 -3.96 -26.57
CA THR B 448 -4.87 -2.97 -25.54
C THR B 448 -5.87 -2.89 -24.39
N PHE B 449 -7.12 -3.30 -24.58
CA PHE B 449 -8.14 -3.12 -23.54
C PHE B 449 -7.85 -3.96 -22.30
N ARG B 450 -7.97 -3.34 -21.14
CA ARG B 450 -7.74 -4.00 -19.86
C ARG B 450 -8.79 -3.50 -18.88
N GLN B 719 -14.60 -0.61 -22.71
CA GLN B 719 -15.74 -1.11 -21.95
C GLN B 719 -15.44 -1.10 -20.46
N GLY B 720 -16.48 -1.36 -19.66
CA GLY B 720 -16.38 -1.48 -18.22
C GLY B 720 -16.64 -2.89 -17.74
N ASP B 721 -15.64 -3.51 -17.11
CA ASP B 721 -15.76 -4.89 -16.62
C ASP B 721 -16.21 -4.83 -15.16
N SER B 722 -16.06 -5.92 -14.41
CA SER B 722 -16.50 -5.87 -13.02
C SER B 722 -15.44 -5.19 -12.16
N LEU B 723 -15.88 -4.70 -11.00
CA LEU B 723 -14.96 -4.11 -10.04
C LEU B 723 -14.02 -5.16 -9.48
N HIS B 724 -14.55 -6.35 -9.20
CA HIS B 724 -13.78 -7.46 -8.65
C HIS B 724 -12.59 -7.85 -9.53
N GLU B 725 -12.76 -7.84 -10.86
CA GLU B 725 -11.64 -8.18 -11.72
C GLU B 725 -10.56 -7.10 -11.68
N HIS B 726 -10.97 -5.83 -11.66
CA HIS B 726 -10.03 -4.73 -11.56
C HIS B 726 -9.25 -4.78 -10.25
N ILE B 727 -9.92 -5.13 -9.16
CA ILE B 727 -9.25 -5.23 -7.86
C ILE B 727 -8.37 -6.49 -7.81
N ALA B 728 -8.81 -7.57 -8.42
CA ALA B 728 -8.03 -8.81 -8.41
C ALA B 728 -6.74 -8.66 -9.19
N ASN B 729 -6.72 -7.84 -10.24
CA ASN B 729 -5.50 -7.66 -11.01
C ASN B 729 -4.44 -6.88 -10.24
N LEU B 730 -4.81 -6.16 -9.18
CA LEU B 730 -3.90 -5.34 -8.42
C LEU B 730 -2.85 -6.20 -7.72
N ALA B 731 -1.73 -5.55 -7.38
CA ALA B 731 -0.60 -6.17 -6.71
C ALA B 731 -0.63 -5.78 -5.23
N GLY B 732 -1.32 -6.59 -4.44
CA GLY B 732 -1.41 -6.31 -3.02
C GLY B 732 -2.00 -7.49 -2.27
N SER B 733 -2.01 -7.36 -0.96
CA SER B 733 -2.54 -8.39 -0.09
C SER B 733 -4.06 -8.49 -0.21
N PRO B 734 -4.66 -9.67 0.04
CA PRO B 734 -6.14 -9.75 0.02
C PRO B 734 -6.80 -8.78 0.98
N ALA B 735 -6.12 -8.42 2.07
CA ALA B 735 -6.65 -7.45 3.02
C ALA B 735 -6.86 -6.08 2.36
N ILE B 736 -5.81 -5.53 1.74
CA ILE B 736 -5.98 -4.20 1.13
C ILE B 736 -6.92 -4.27 -0.07
N LYS B 737 -7.02 -5.42 -0.74
CA LYS B 737 -7.98 -5.53 -1.83
C LYS B 737 -9.40 -5.50 -1.30
N LYS B 738 -9.65 -6.20 -0.20
CA LYS B 738 -10.94 -6.13 0.47
C LYS B 738 -11.24 -4.71 0.89
N GLY B 739 -10.26 -4.05 1.53
CA GLY B 739 -10.40 -2.65 1.94
C GLY B 739 -10.70 -1.72 0.77
N ILE B 740 -10.09 -1.99 -0.39
CA ILE B 740 -10.32 -1.17 -1.57
C ILE B 740 -11.76 -1.35 -2.04
N LEU B 741 -12.23 -2.60 -2.08
CA LEU B 741 -13.62 -2.88 -2.44
C LEU B 741 -14.58 -2.16 -1.47
N GLN B 742 -14.31 -2.30 -0.16
CA GLN B 742 -15.12 -1.61 0.84
C GLN B 742 -15.09 -0.11 0.64
N THR B 743 -13.93 0.45 0.29
CA THR B 743 -13.81 1.88 0.02
C THR B 743 -14.70 2.30 -1.14
N VAL B 744 -14.66 1.52 -2.23
CA VAL B 744 -15.49 1.81 -3.40
C VAL B 744 -16.98 1.78 -3.01
N LYS B 745 -17.38 0.75 -2.29
CA LYS B 745 -18.78 0.66 -1.83
C LYS B 745 -19.14 1.82 -0.91
N VAL B 746 -18.21 2.23 -0.04
CA VAL B 746 -18.42 3.37 0.85
C VAL B 746 -18.65 4.64 0.02
N VAL B 747 -17.84 4.85 -1.02
CA VAL B 747 -18.01 6.00 -1.90
C VAL B 747 -19.38 5.95 -2.57
N ASP B 748 -19.78 4.77 -3.06
CA ASP B 748 -21.07 4.62 -3.71
C ASP B 748 -22.22 4.98 -2.76
N GLU B 749 -22.17 4.46 -1.53
CA GLU B 749 -23.22 4.78 -0.59
C GLU B 749 -23.19 6.27 -0.21
N LEU B 750 -22.00 6.84 -0.05
CA LEU B 750 -21.92 8.26 0.31
C LEU B 750 -22.50 9.15 -0.78
N VAL B 751 -22.24 8.84 -2.05
CA VAL B 751 -22.83 9.66 -3.11
C VAL B 751 -24.32 9.36 -3.26
N LYS B 752 -24.77 8.17 -2.85
CA LYS B 752 -26.21 7.90 -2.82
C LYS B 752 -26.87 8.74 -1.72
N VAL B 753 -26.23 8.84 -0.56
CA VAL B 753 -26.75 9.57 0.59
C VAL B 753 -26.94 11.05 0.28
N MET B 754 -26.05 11.62 -0.55
CA MET B 754 -26.10 13.04 -0.88
C MET B 754 -26.99 13.33 -2.09
N GLY B 755 -28.09 12.61 -2.25
CA GLY B 755 -29.01 12.83 -3.36
C GLY B 755 -28.41 12.64 -4.72
N ARG B 756 -27.53 11.65 -4.87
CA ARG B 756 -26.86 11.33 -6.14
C ARG B 756 -26.05 12.51 -6.69
N HIS B 757 -25.58 13.39 -5.81
CA HIS B 757 -24.68 14.48 -6.19
C HIS B 757 -23.25 13.99 -5.97
N LYS B 758 -22.43 14.04 -7.02
CA LYS B 758 -21.05 13.62 -6.92
C LYS B 758 -20.20 14.70 -6.24
N PRO B 759 -19.21 14.32 -5.41
CA PRO B 759 -18.41 15.35 -4.72
C PRO B 759 -17.51 16.12 -5.68
N GLU B 760 -17.06 17.29 -5.21
CA GLU B 760 -16.10 18.06 -5.98
C GLU B 760 -14.71 17.43 -5.87
N ASN B 761 -14.36 16.93 -4.69
CA ASN B 761 -13.05 16.34 -4.43
C ASN B 761 -13.23 15.05 -3.64
N ILE B 762 -12.39 14.07 -3.94
CA ILE B 762 -12.29 12.83 -3.16
C ILE B 762 -10.82 12.66 -2.81
N VAL B 763 -10.48 12.95 -1.56
CA VAL B 763 -9.11 12.85 -1.07
C VAL B 763 -8.92 11.44 -0.54
N ILE B 764 -7.80 10.80 -0.91
CA ILE B 764 -7.50 9.43 -0.54
C ILE B 764 -6.16 9.44 0.18
N GLU B 765 -6.09 8.75 1.31
CA GLU B 765 -4.89 8.46 2.04
C GLU B 765 -4.84 6.96 2.23
N MET B 766 -3.67 6.37 2.02
CA MET B 766 -3.45 4.98 2.36
C MET B 766 -2.90 5.04 3.77
N ALA B 767 -3.75 4.62 4.71
CA ALA B 767 -3.43 4.71 6.13
C ALA B 767 -2.18 3.93 6.45
N ARG B 768 -1.31 4.53 7.26
CA ARG B 768 -0.07 3.89 7.63
C ARG B 768 -0.36 3.01 8.83
N GLU B 769 0.37 1.91 8.92
CA GLU B 769 0.23 0.99 10.04
C GLU B 769 1.14 1.50 11.15
N ASN B 770 0.54 1.95 12.26
CA ASN B 770 1.35 2.49 13.35
C ASN B 770 2.22 1.38 13.93
N GLN B 771 3.29 1.80 14.62
CA GLN B 771 4.26 0.84 15.15
C GLN B 771 3.60 -0.19 16.06
N THR B 772 3.82 -1.46 15.77
CA THR B 772 3.31 -2.57 16.55
C THR B 772 4.23 -2.95 17.70
N THR B 773 5.30 -2.17 17.95
CA THR B 773 6.30 -2.37 19.00
C THR B 773 7.23 -3.58 18.75
N GLN B 774 6.84 -4.56 17.94
CA GLN B 774 7.71 -5.65 17.54
C GLN B 774 8.81 -5.10 16.62
N LYS B 775 8.49 -4.06 15.84
CA LYS B 775 9.42 -3.32 15.00
C LYS B 775 10.13 -2.20 15.74
N GLY B 776 9.70 -1.86 16.96
CA GLY B 776 10.34 -0.83 17.74
C GLY B 776 11.74 -1.21 18.17
N GLN B 777 12.05 -2.51 18.19
CA GLN B 777 13.39 -3.00 18.44
C GLN B 777 14.18 -3.16 17.15
N LYS B 778 13.52 -3.40 16.02
CA LYS B 778 14.24 -3.56 14.76
C LYS B 778 14.93 -2.25 14.39
N ASN B 779 14.22 -1.13 14.55
CA ASN B 779 14.77 0.18 14.23
C ASN B 779 15.95 0.50 15.13
N SER B 780 15.86 0.13 16.41
CA SER B 780 16.95 0.37 17.34
C SER B 780 18.18 -0.44 16.96
N ARG B 781 17.96 -1.67 16.48
CA ARG B 781 19.05 -2.52 16.01
C ARG B 781 19.72 -1.92 14.78
N GLU B 782 18.94 -1.40 13.83
CA GLU B 782 19.52 -0.80 12.63
C GLU B 782 20.34 0.43 12.97
N ARG B 783 19.81 1.33 13.79
CA ARG B 783 20.58 2.51 14.17
C ARG B 783 21.81 2.12 14.99
N MET B 784 21.73 1.04 15.77
CA MET B 784 22.90 0.59 16.52
C MET B 784 23.98 0.11 15.57
N LYS B 785 23.61 -0.68 14.56
CA LYS B 785 24.59 -1.12 13.57
C LYS B 785 25.19 0.09 12.86
N ARG B 786 24.38 1.12 12.60
CA ARG B 786 24.90 2.33 11.96
C ARG B 786 25.94 3.03 12.84
N ILE B 787 25.65 3.16 14.13
CA ILE B 787 26.60 3.77 15.06
C ILE B 787 27.88 2.94 15.16
N GLU B 788 27.74 1.62 15.31
CA GLU B 788 28.94 0.78 15.46
C GLU B 788 29.79 0.75 14.20
N GLU B 789 29.19 0.66 13.02
CA GLU B 789 29.98 0.67 11.80
C GLU B 789 30.63 2.04 11.58
N GLY B 790 29.89 3.13 11.85
CA GLY B 790 30.47 4.45 11.70
C GLY B 790 31.65 4.71 12.64
N ILE B 791 31.51 4.28 13.90
CA ILE B 791 32.60 4.46 14.86
C ILE B 791 33.80 3.60 14.47
N LYS B 792 33.57 2.34 14.10
CA LYS B 792 34.68 1.49 13.68
C LYS B 792 35.36 2.02 12.41
N GLU B 793 34.59 2.64 11.52
CA GLU B 793 35.16 3.20 10.30
C GLU B 793 35.99 4.45 10.60
N LEU B 794 35.48 5.35 11.44
CA LEU B 794 36.22 6.57 11.74
C LEU B 794 37.47 6.26 12.55
N GLY B 795 37.29 5.65 13.74
CA GLY B 795 38.38 5.28 14.63
C GLY B 795 38.43 6.03 15.95
N SER B 796 37.40 6.82 16.29
CA SER B 796 37.32 7.51 17.56
C SER B 796 36.54 6.61 18.51
N GLN B 797 37.21 6.10 19.54
CA GLN B 797 36.61 5.12 20.46
C GLN B 797 35.70 5.79 21.51
N ILE B 798 34.69 6.51 21.02
CA ILE B 798 33.74 7.14 21.94
C ILE B 798 32.87 6.10 22.64
N LEU B 799 32.58 4.97 21.96
CA LEU B 799 31.77 3.91 22.54
C LEU B 799 32.47 3.18 23.68
N LYS B 800 33.80 3.24 23.73
CA LYS B 800 34.56 2.60 24.81
C LYS B 800 34.41 3.36 26.12
N GLU B 801 34.57 4.68 26.08
CA GLU B 801 34.49 5.47 27.30
C GLU B 801 33.05 5.68 27.77
N HIS B 802 32.06 5.68 26.87
CA HIS B 802 30.64 5.86 27.23
C HIS B 802 29.77 4.82 26.52
N PRO B 803 29.73 3.58 27.05
CA PRO B 803 28.90 2.53 26.44
C PRO B 803 27.41 2.83 26.52
N VAL B 804 26.69 2.50 25.43
CA VAL B 804 25.24 2.66 25.36
C VAL B 804 24.67 1.41 24.71
N GLU B 805 23.38 1.16 24.97
CA GLU B 805 22.61 0.06 24.42
C GLU B 805 21.48 0.55 23.53
N ASN B 806 20.95 -0.40 22.75
CA ASN B 806 19.91 -0.11 21.75
C ASN B 806 18.62 0.45 22.35
N THR B 807 18.38 0.23 23.64
CA THR B 807 17.16 0.74 24.25
C THR B 807 17.23 2.27 24.37
N GLN B 808 18.40 2.78 24.77
CA GLN B 808 18.55 4.22 24.94
C GLN B 808 18.66 4.96 23.62
N LEU B 809 18.91 4.26 22.50
CA LEU B 809 19.12 4.94 21.22
C LEU B 809 17.82 5.37 20.55
N GLN B 810 16.66 5.19 21.17
CA GLN B 810 15.43 5.68 20.57
C GLN B 810 15.33 7.19 20.71
N ASN B 811 16.01 7.79 21.68
CA ASN B 811 16.00 9.23 21.84
C ASN B 811 16.70 9.91 20.68
N GLU B 812 16.07 10.95 20.15
CA GLU B 812 16.59 11.64 18.98
C GLU B 812 17.93 12.31 19.27
N LYS B 813 18.00 13.12 20.33
CA LYS B 813 19.22 13.86 20.65
C LYS B 813 20.39 12.95 20.99
N LEU B 814 20.14 11.82 21.65
CA LEU B 814 21.25 10.92 21.97
C LEU B 814 21.74 10.21 20.72
N TYR B 815 20.82 9.77 19.87
CA TYR B 815 21.21 9.13 18.62
C TYR B 815 22.00 10.11 17.74
N LEU B 816 21.56 11.36 17.66
CA LEU B 816 22.32 12.35 16.91
C LEU B 816 23.67 12.62 17.57
N TYR B 817 23.75 12.54 18.90
CA TYR B 817 25.03 12.74 19.59
C TYR B 817 26.02 11.66 19.17
N TYR B 818 25.56 10.42 19.11
CA TYR B 818 26.43 9.32 18.69
C TYR B 818 26.67 9.28 17.19
N LEU B 819 25.72 9.79 16.39
CA LEU B 819 25.88 9.85 14.95
C LEU B 819 26.95 10.85 14.52
N GLN B 820 27.14 11.92 15.30
CA GLN B 820 28.06 13.01 14.95
C GLN B 820 29.41 12.87 15.67
N ASN B 821 29.80 11.66 16.04
CA ASN B 821 31.10 11.39 16.69
C ASN B 821 31.28 12.17 17.99
N GLY B 822 30.19 12.54 18.64
CA GLY B 822 30.25 13.34 19.85
C GLY B 822 30.82 14.73 19.70
N ARG B 823 30.64 15.36 18.53
CA ARG B 823 31.18 16.67 18.23
C ARG B 823 30.07 17.58 17.71
N ASP B 824 30.27 18.88 17.91
CA ASP B 824 29.32 19.87 17.42
C ASP B 824 29.41 19.94 15.90
N MET B 825 28.26 20.06 15.24
CA MET B 825 28.23 20.07 13.79
C MET B 825 28.79 21.38 13.21
N TYR B 826 28.50 22.51 13.85
CA TYR B 826 28.88 23.83 13.34
C TYR B 826 30.14 24.40 13.96
N VAL B 827 30.49 24.00 15.19
CA VAL B 827 31.62 24.58 15.92
C VAL B 827 32.65 23.47 16.16
N ASP B 828 33.92 23.87 16.21
CA ASP B 828 35.02 22.94 16.46
C ASP B 828 35.25 22.76 17.96
N GLN B 829 34.24 22.23 18.65
CA GLN B 829 34.36 21.95 20.08
C GLN B 829 33.55 20.70 20.44
N GLU B 830 34.02 20.01 21.49
CA GLU B 830 33.38 18.80 21.97
C GLU B 830 32.06 19.12 22.69
N LEU B 831 31.09 18.23 22.52
CA LEU B 831 29.80 18.36 23.20
C LEU B 831 29.87 17.80 24.62
N ASP B 832 29.07 18.39 25.51
CA ASP B 832 28.95 17.94 26.89
C ASP B 832 27.94 16.79 26.98
N ILE B 833 28.45 15.62 27.36
CA ILE B 833 27.68 14.36 27.39
C ILE B 833 26.45 14.47 28.29
N ASN B 834 26.56 15.15 29.43
CA ASN B 834 25.48 15.25 30.42
C ASN B 834 24.87 16.65 30.51
N ARG B 835 24.67 17.28 29.34
CA ARG B 835 24.00 18.58 29.25
C ARG B 835 23.25 18.68 27.92
N LEU B 836 22.72 17.56 27.43
CA LEU B 836 22.03 17.54 26.14
C LEU B 836 20.70 18.28 26.18
N SER B 837 20.13 18.53 27.37
CA SER B 837 18.88 19.26 27.43
C SER B 837 19.09 20.72 27.04
N ASP B 838 20.26 21.27 27.34
CA ASP B 838 20.59 22.63 26.94
C ASP B 838 20.90 22.73 25.44
N TYR B 839 21.19 21.61 24.78
CA TYR B 839 21.58 21.61 23.37
C TYR B 839 20.33 21.46 22.52
N ASP B 840 20.34 22.12 21.36
CA ASP B 840 19.22 22.14 20.42
C ASP B 840 19.51 21.34 19.16
N VAL B 841 18.45 20.79 18.58
CA VAL B 841 18.49 20.06 17.33
C VAL B 841 18.04 21.01 16.23
N ASP B 842 18.93 21.26 15.28
CA ASP B 842 18.75 22.21 14.19
C ASP B 842 18.49 21.45 12.90
N HIS B 843 17.72 22.05 12.02
CA HIS B 843 17.47 21.51 10.68
C HIS B 843 18.42 22.14 9.67
N ILE B 844 19.10 21.30 8.90
CA ILE B 844 20.01 21.80 7.87
C ILE B 844 19.22 22.58 6.84
N VAL B 845 18.08 22.05 6.42
CA VAL B 845 17.13 22.74 5.56
C VAL B 845 15.95 23.15 6.45
N PRO B 846 15.70 24.50 6.67
CA PRO B 846 14.66 24.94 7.61
C PRO B 846 13.27 24.36 7.38
N GLN B 847 12.45 24.34 8.44
CA GLN B 847 11.10 23.81 8.33
C GLN B 847 10.24 24.66 7.42
N SER B 848 10.59 25.94 7.24
CA SER B 848 9.84 26.83 6.36
C SER B 848 9.96 26.41 4.90
N PHE B 849 11.03 25.69 4.54
CA PHE B 849 11.26 25.23 3.17
C PHE B 849 10.77 23.80 2.96
N LEU B 850 10.99 22.92 3.94
CA LEU B 850 10.60 21.52 3.79
C LEU B 850 10.36 20.95 5.17
N LYS B 851 9.28 20.18 5.29
CA LYS B 851 8.89 19.50 6.53
C LYS B 851 9.56 18.14 6.53
N ASP B 852 10.80 18.09 6.98
CA ASP B 852 11.60 16.86 7.05
C ASP B 852 12.18 16.75 8.45
N ASP B 853 11.60 15.86 9.25
CA ASP B 853 12.02 15.66 10.64
C ASP B 853 12.79 14.35 10.82
N SER B 854 13.32 13.80 9.73
CA SER B 854 14.10 12.58 9.80
C SER B 854 15.52 12.91 10.25
N ILE B 855 16.29 11.85 10.49
CA ILE B 855 17.70 12.05 10.84
C ILE B 855 18.49 12.59 9.64
N ASP B 856 17.99 12.38 8.41
CA ASP B 856 18.64 12.87 7.21
C ASP B 856 18.73 14.38 7.16
N ASN B 857 17.86 15.11 7.89
CA ASN B 857 17.79 16.57 7.85
C ASN B 857 17.92 17.21 9.22
N LYS B 858 18.46 16.51 10.22
CA LYS B 858 18.61 17.01 11.57
C LYS B 858 20.08 16.91 12.00
N VAL B 859 20.51 17.89 12.80
CA VAL B 859 21.86 17.94 13.35
C VAL B 859 21.68 18.36 14.80
N LEU B 860 22.70 18.08 15.62
CA LEU B 860 22.72 18.42 17.04
C LEU B 860 23.82 19.42 17.29
N THR B 861 23.49 20.52 17.98
CA THR B 861 24.48 21.55 18.26
C THR B 861 24.05 22.29 19.51
N ARG B 862 25.01 22.98 20.13
CA ARG B 862 24.72 23.67 21.38
C ARG B 862 23.78 24.83 21.20
N SER B 863 23.82 25.49 20.05
CA SER B 863 22.94 26.60 19.75
C SER B 863 22.77 26.67 18.24
N ASP B 864 21.54 26.92 17.80
CA ASP B 864 21.31 26.97 16.35
C ASP B 864 21.63 28.35 15.78
N LYS B 865 22.16 29.27 16.60
CA LYS B 865 22.66 30.55 16.14
C LYS B 865 23.99 30.41 15.41
N ASN B 866 24.71 29.28 15.60
CA ASN B 866 25.99 29.09 14.95
C ASN B 866 25.87 28.87 13.45
N ARG B 867 24.67 28.60 12.94
CA ARG B 867 24.45 28.47 11.51
C ARG B 867 24.64 29.80 10.78
N GLY B 868 24.55 30.93 11.50
CA GLY B 868 24.69 32.26 10.96
C GLY B 868 23.34 32.93 10.75
N LYS B 869 23.40 34.10 10.12
CA LYS B 869 22.27 35.01 10.11
C LYS B 869 21.25 34.68 9.02
N SER B 870 21.59 33.83 8.05
CA SER B 870 20.73 33.59 6.91
C SER B 870 19.58 32.66 7.29
N ASP B 871 18.45 32.83 6.61
CA ASP B 871 17.31 31.92 6.73
C ASP B 871 17.44 30.68 5.81
N ASN B 872 18.63 30.44 5.24
CA ASN B 872 18.88 29.40 4.26
C ASN B 872 19.61 28.26 4.96
N VAL B 873 20.43 27.50 4.25
CA VAL B 873 21.34 26.50 4.82
C VAL B 873 22.41 27.23 5.64
N PRO B 874 23.16 26.56 6.54
CA PRO B 874 24.21 27.25 7.28
C PRO B 874 25.24 27.95 6.39
N SER B 875 25.70 29.11 6.87
CA SER B 875 26.49 30.05 6.09
C SER B 875 27.78 29.42 5.56
N GLU B 876 28.43 30.16 4.66
CA GLU B 876 29.68 29.69 4.07
C GLU B 876 30.85 29.78 5.05
N GLU B 877 30.81 30.72 6.00
CA GLU B 877 31.91 30.86 6.95
C GLU B 877 32.08 29.63 7.82
N VAL B 878 31.00 28.90 8.10
CA VAL B 878 31.06 27.66 8.87
C VAL B 878 31.27 26.46 7.96
N VAL B 879 30.65 26.48 6.77
CA VAL B 879 30.79 25.37 5.82
C VAL B 879 32.24 25.22 5.40
N LYS B 880 32.89 26.34 5.04
CA LYS B 880 34.30 26.31 4.64
C LYS B 880 35.20 25.76 5.73
N LYS B 881 34.86 26.05 6.99
CA LYS B 881 35.67 25.59 8.12
C LYS B 881 35.42 24.13 8.47
N MET B 882 34.18 23.64 8.31
CA MET B 882 33.78 22.31 8.78
C MET B 882 33.57 21.30 7.65
N LYS B 883 33.94 21.65 6.40
CA LYS B 883 33.74 20.73 5.28
C LYS B 883 34.55 19.46 5.45
N ASN B 884 35.76 19.59 6.00
CA ASN B 884 36.61 18.41 6.21
C ASN B 884 35.96 17.45 7.19
N TYR B 885 35.43 17.98 8.31
CA TYR B 885 34.81 17.13 9.31
C TYR B 885 33.53 16.50 8.76
N TRP B 886 32.81 17.23 7.91
CA TRP B 886 31.62 16.66 7.30
C TRP B 886 31.98 15.60 6.27
N ARG B 887 33.15 15.73 5.63
CA ARG B 887 33.57 14.72 4.67
C ARG B 887 34.03 13.46 5.41
N GLN B 888 34.60 13.64 6.61
CA GLN B 888 34.96 12.47 7.42
C GLN B 888 33.71 11.77 7.91
N LEU B 889 32.67 12.53 8.26
CA LEU B 889 31.43 11.89 8.68
C LEU B 889 30.71 11.28 7.48
N LEU B 890 30.97 11.77 6.28
CA LEU B 890 30.36 11.26 5.05
C LEU B 890 30.94 9.91 4.67
N ASN B 891 32.27 9.84 4.57
CA ASN B 891 32.93 8.61 4.13
C ASN B 891 32.86 7.48 5.16
N ALA B 892 32.42 7.74 6.38
CA ALA B 892 32.25 6.72 7.40
C ALA B 892 30.82 6.18 7.46
N LYS B 893 29.95 6.57 6.52
CA LYS B 893 28.54 6.11 6.44
C LYS B 893 27.78 6.43 7.73
N LEU B 894 28.17 7.52 8.41
CA LEU B 894 27.42 8.04 9.55
C LEU B 894 26.24 8.87 9.09
N ILE B 895 26.41 9.58 7.97
CA ILE B 895 25.38 10.37 7.32
C ILE B 895 25.28 9.96 5.87
N THR B 896 24.17 10.32 5.24
CA THR B 896 23.93 10.01 3.84
C THR B 896 24.48 11.10 2.94
N GLN B 897 24.48 10.82 1.64
CA GLN B 897 24.99 11.76 0.66
C GLN B 897 24.14 13.03 0.64
N ARG B 898 22.82 12.87 0.75
CA ARG B 898 21.92 14.03 0.72
C ARG B 898 22.15 14.96 1.89
N LYS B 899 22.42 14.40 3.08
CA LYS B 899 22.66 15.24 4.24
C LYS B 899 23.95 16.05 4.06
N PHE B 900 24.98 15.43 3.49
CA PHE B 900 26.20 16.16 3.19
C PHE B 900 25.96 17.23 2.12
N ASP B 901 25.11 16.92 1.15
CA ASP B 901 24.79 17.88 0.09
C ASP B 901 24.07 19.09 0.67
N ASN B 902 23.16 18.86 1.61
CA ASN B 902 22.44 19.97 2.22
C ASN B 902 23.36 20.75 3.16
N LEU B 903 24.24 20.04 3.88
CA LEU B 903 25.20 20.70 4.76
C LEU B 903 26.17 21.58 3.99
N THR B 904 26.53 21.20 2.77
CA THR B 904 27.50 21.92 1.95
C THR B 904 26.83 22.55 0.73
N LYS B 905 25.64 23.12 0.96
CA LYS B 905 24.86 23.76 -0.10
C LYS B 905 25.23 25.22 -0.29
N ALA B 906 25.82 25.86 0.71
CA ALA B 906 26.22 27.26 0.58
C ALA B 906 27.38 27.41 -0.38
N GLU B 907 28.20 26.37 -0.55
CA GLU B 907 29.30 26.42 -1.49
C GLU B 907 28.81 26.49 -2.93
N ARG B 908 27.59 26.02 -3.20
CA ARG B 908 26.97 26.02 -4.53
C ARG B 908 25.84 27.04 -4.56
N GLY B 909 26.06 28.19 -3.91
CA GLY B 909 25.10 29.28 -3.91
C GLY B 909 24.17 29.32 -2.72
N GLY B 910 23.72 28.17 -2.26
CA GLY B 910 22.76 28.05 -1.18
C GLY B 910 21.55 27.37 -1.76
N LEU B 911 20.38 27.49 -1.13
CA LEU B 911 19.20 26.85 -1.70
C LEU B 911 18.88 27.52 -3.03
N SER B 912 18.41 26.72 -3.98
CA SER B 912 18.15 27.12 -5.35
C SER B 912 16.75 26.68 -5.75
N GLU B 913 16.33 27.17 -6.92
CA GLU B 913 15.02 26.84 -7.44
C GLU B 913 14.89 25.35 -7.69
N LEU B 914 15.99 24.69 -8.11
CA LEU B 914 15.96 23.26 -8.31
C LEU B 914 15.79 22.53 -6.99
N ASP B 915 16.39 23.04 -5.91
CA ASP B 915 16.24 22.43 -4.59
C ASP B 915 14.81 22.59 -4.10
N LYS B 916 14.24 23.79 -4.28
CA LYS B 916 12.86 24.03 -3.88
C LYS B 916 11.91 23.16 -4.68
N ALA B 917 12.17 23.01 -5.99
CA ALA B 917 11.35 22.13 -6.80
C ALA B 917 11.45 20.68 -6.33
N GLY B 918 12.64 20.27 -5.88
CA GLY B 918 12.79 18.93 -5.34
C GLY B 918 12.01 18.77 -4.06
N PHE B 919 11.94 19.83 -3.25
CA PHE B 919 11.16 19.78 -2.01
C PHE B 919 9.67 19.69 -2.30
N ILE B 920 9.17 20.50 -3.25
CA ILE B 920 7.77 20.45 -3.64
C ILE B 920 7.39 19.06 -4.15
N LYS B 921 8.21 18.50 -5.03
CA LYS B 921 7.93 17.15 -5.52
C LYS B 921 8.06 16.10 -4.42
N ARG B 922 8.94 16.32 -3.45
CA ARG B 922 9.08 15.38 -2.35
C ARG B 922 7.87 15.41 -1.43
N GLN B 923 7.23 16.57 -1.29
CA GLN B 923 6.09 16.70 -0.41
C GLN B 923 4.75 16.37 -1.06
N LEU B 924 4.60 16.62 -2.37
CA LEU B 924 3.29 16.63 -2.98
C LEU B 924 2.93 15.40 -3.81
N VAL B 925 3.91 14.61 -4.27
CA VAL B 925 3.66 13.48 -5.16
C VAL B 925 3.62 12.19 -4.35
N GLU B 926 2.73 11.26 -4.72
CA GLU B 926 2.61 9.96 -4.08
C GLU B 926 3.32 8.92 -4.95
N THR B 927 4.28 8.23 -4.36
CA THR B 927 5.08 7.24 -5.06
C THR B 927 4.38 5.88 -5.18
N ARG B 928 3.47 5.57 -4.25
CA ARG B 928 2.83 4.25 -4.22
C ARG B 928 1.93 4.02 -5.42
N GLN B 929 2.17 2.89 -6.11
CA GLN B 929 1.42 2.53 -7.31
C GLN B 929 0.02 2.08 -6.94
N ILE B 930 -0.11 1.36 -5.82
CA ILE B 930 -1.41 0.87 -5.38
C ILE B 930 -2.34 2.05 -5.17
N THR B 931 -1.79 3.16 -4.65
CA THR B 931 -2.58 4.35 -4.44
C THR B 931 -3.04 4.91 -5.78
N LYS B 932 -2.14 4.92 -6.77
CA LYS B 932 -2.50 5.39 -8.10
C LYS B 932 -3.58 4.51 -8.73
N HIS B 933 -3.52 3.19 -8.49
CA HIS B 933 -4.54 2.32 -9.05
C HIS B 933 -5.88 2.50 -8.35
N VAL B 934 -5.86 2.75 -7.04
CA VAL B 934 -7.11 3.03 -6.33
C VAL B 934 -7.70 4.34 -6.82
N ALA B 935 -6.86 5.37 -6.95
CA ALA B 935 -7.32 6.63 -7.51
C ALA B 935 -7.85 6.45 -8.93
N GLN B 936 -7.24 5.54 -9.71
CA GLN B 936 -7.74 5.27 -11.06
C GLN B 936 -9.12 4.63 -11.01
N ILE B 937 -9.32 3.65 -10.12
CA ILE B 937 -10.63 3.00 -9.98
C ILE B 937 -11.69 4.03 -9.57
N LEU B 938 -11.41 4.78 -8.51
CA LEU B 938 -12.37 5.79 -8.05
C LEU B 938 -12.62 6.86 -9.10
N ASP B 939 -11.58 7.30 -9.80
CA ASP B 939 -11.74 8.30 -10.85
C ASP B 939 -12.56 7.77 -12.01
N SER B 940 -12.33 6.52 -12.42
CA SER B 940 -13.06 5.95 -13.54
C SER B 940 -14.52 5.73 -13.18
N ARG B 941 -14.80 5.35 -11.93
CA ARG B 941 -16.18 5.12 -11.54
C ARG B 941 -16.91 6.44 -11.29
N MET B 942 -16.20 7.46 -10.82
CA MET B 942 -16.84 8.73 -10.50
C MET B 942 -16.99 9.59 -11.75
N ASN B 943 -15.90 9.74 -12.51
CA ASN B 943 -15.87 10.53 -13.73
C ASN B 943 -16.10 9.61 -14.91
N THR B 944 -17.23 9.82 -15.62
CA THR B 944 -17.59 9.01 -16.77
C THR B 944 -18.24 9.82 -17.91
N LYS B 945 -18.30 11.14 -17.81
CA LYS B 945 -18.86 11.98 -18.87
C LYS B 945 -17.77 12.34 -19.87
N TYR B 946 -18.21 12.73 -21.06
CA TYR B 946 -17.32 13.13 -22.14
C TYR B 946 -17.95 14.35 -22.83
N ASP B 947 -17.36 14.78 -23.95
CA ASP B 947 -17.81 15.92 -24.71
C ASP B 947 -17.93 15.46 -26.17
N GLU B 948 -17.92 16.41 -27.11
CA GLU B 948 -17.97 16.07 -28.52
C GLU B 948 -16.70 15.35 -28.94
N ASN B 949 -15.55 15.81 -28.46
CA ASN B 949 -14.27 15.16 -28.75
C ASN B 949 -14.15 13.90 -27.88
N ASP B 950 -12.97 13.28 -27.93
CA ASP B 950 -12.65 12.10 -27.12
C ASP B 950 -11.91 12.47 -25.84
N LYS B 951 -12.36 13.55 -25.18
CA LYS B 951 -11.72 14.07 -23.97
C LYS B 951 -12.61 13.75 -22.77
N LEU B 952 -11.97 13.34 -21.69
CA LEU B 952 -12.67 12.98 -20.47
C LEU B 952 -12.98 14.21 -19.64
N ILE B 953 -14.25 14.39 -19.29
CA ILE B 953 -14.66 15.49 -18.44
C ILE B 953 -14.49 14.98 -17.02
N ARG B 954 -13.64 15.65 -16.25
CA ARG B 954 -13.35 15.27 -14.87
C ARG B 954 -14.15 16.20 -13.96
N GLU B 955 -15.33 15.74 -13.56
CA GLU B 955 -16.17 16.53 -12.66
C GLU B 955 -15.64 16.43 -11.24
N VAL B 956 -15.15 15.23 -10.87
CA VAL B 956 -14.65 14.95 -9.54
C VAL B 956 -13.14 14.78 -9.65
N LYS B 957 -12.42 15.49 -8.80
CA LYS B 957 -10.96 15.42 -8.73
C LYS B 957 -10.62 14.44 -7.62
N VAL B 958 -9.75 13.49 -7.92
CA VAL B 958 -9.29 12.50 -6.95
C VAL B 958 -7.92 12.93 -6.51
N ILE B 959 -7.83 13.37 -5.26
CA ILE B 959 -6.63 13.92 -4.67
C ILE B 959 -5.97 12.79 -3.91
N THR B 960 -4.68 12.62 -4.08
CA THR B 960 -3.90 11.60 -3.39
C THR B 960 -3.00 12.35 -2.43
N LEU B 961 -3.10 12.02 -1.13
CA LEU B 961 -2.32 12.69 -0.10
C LEU B 961 -1.42 11.69 0.59
N LYS B 962 -0.31 12.19 1.09
CA LYS B 962 0.62 11.43 1.91
C LYS B 962 0.20 11.52 3.37
N SER B 963 0.45 10.44 4.11
CA SER B 963 0.08 10.41 5.52
C SER B 963 0.87 11.44 6.33
N LYS B 964 2.08 11.76 5.86
CA LYS B 964 2.96 12.68 6.58
C LYS B 964 2.32 14.07 6.67
N LEU B 965 1.59 14.48 5.65
CA LEU B 965 0.94 15.79 5.64
C LEU B 965 -0.07 15.92 6.76
N VAL B 966 -1.01 14.97 6.84
CA VAL B 966 -2.04 15.02 7.88
C VAL B 966 -1.42 14.79 9.25
N SER B 967 -0.41 13.93 9.34
CA SER B 967 0.25 13.68 10.62
C SER B 967 0.90 14.96 11.14
N ASP B 968 1.70 15.62 10.30
CA ASP B 968 2.31 16.88 10.68
C ASP B 968 1.27 17.95 10.95
N PHE B 969 0.13 17.94 10.23
CA PHE B 969 -0.92 18.89 10.51
C PHE B 969 -1.48 18.68 11.91
N ARG B 970 -1.63 17.42 12.32
CA ARG B 970 -2.10 17.12 13.66
C ARG B 970 -1.08 17.59 14.70
N LYS B 971 0.19 17.30 14.46
CA LYS B 971 1.23 17.62 15.43
C LYS B 971 1.43 19.13 15.56
N ASP B 972 1.31 19.86 14.45
CA ASP B 972 1.59 21.29 14.47
C ASP B 972 0.51 22.10 15.17
N PHE B 973 -0.76 21.69 15.05
CA PHE B 973 -1.89 22.43 15.60
C PHE B 973 -2.64 21.67 16.70
N GLN B 974 -1.98 20.69 17.32
CA GLN B 974 -2.49 19.95 18.48
C GLN B 974 -3.86 19.31 18.22
N PHE B 975 -4.03 18.73 17.02
CA PHE B 975 -5.18 17.87 16.72
C PHE B 975 -4.75 16.41 16.82
N TYR B 976 -4.29 16.08 18.01
CA TYR B 976 -3.57 14.85 18.26
C TYR B 976 -4.43 13.59 18.10
N LYS B 977 -3.74 12.51 17.72
CA LYS B 977 -4.35 11.21 17.46
C LYS B 977 -3.88 10.24 18.54
N VAL B 978 -4.85 9.55 19.15
CA VAL B 978 -4.57 8.47 20.10
C VAL B 978 -5.44 7.30 19.65
N ARG B 979 -4.83 6.33 18.95
CA ARG B 979 -5.58 5.24 18.34
C ARG B 979 -6.28 4.36 19.37
N GLU B 980 -5.77 4.32 20.60
CA GLU B 980 -6.22 3.44 21.67
C GLU B 980 -7.53 3.88 22.32
N ILE B 981 -8.03 5.08 22.04
CA ILE B 981 -9.22 5.57 22.72
C ILE B 981 -10.45 4.88 22.17
N ASN B 982 -10.62 4.96 20.86
CA ASN B 982 -11.72 4.36 20.14
C ASN B 982 -11.27 4.22 18.70
N ASN B 983 -12.18 3.83 17.82
CA ASN B 983 -11.89 3.68 16.41
C ASN B 983 -12.26 4.93 15.61
N TYR B 984 -12.53 6.05 16.30
CA TYR B 984 -12.95 7.27 15.64
C TYR B 984 -11.81 7.88 14.82
N HIS B 985 -10.55 7.59 15.19
CA HIS B 985 -9.40 8.25 14.59
C HIS B 985 -9.26 7.95 13.11
N HIS B 986 -9.81 6.84 12.62
CA HIS B 986 -9.83 6.59 11.18
C HIS B 986 -10.67 7.63 10.48
N ALA B 987 -11.90 7.82 10.97
CA ALA B 987 -12.80 8.83 10.43
C ALA B 987 -12.20 10.22 10.56
N HIS B 988 -11.59 10.52 11.72
CA HIS B 988 -10.94 11.81 11.93
C HIS B 988 -9.83 12.04 10.92
N ASP B 989 -9.00 11.02 10.67
CA ASP B 989 -7.95 11.11 9.67
C ASP B 989 -8.53 11.38 8.31
N ALA B 990 -9.65 10.74 7.99
CA ALA B 990 -10.33 10.99 6.72
C ALA B 990 -10.77 12.44 6.63
N TYR B 991 -11.36 12.98 7.72
CA TYR B 991 -11.79 14.36 7.76
C TYR B 991 -10.61 15.32 7.53
N LEU B 992 -9.53 15.14 8.29
CA LEU B 992 -8.37 16.00 8.16
C LEU B 992 -7.75 15.90 6.77
N ASN B 993 -7.79 14.70 6.16
CA ASN B 993 -7.36 14.54 4.78
C ASN B 993 -8.21 15.36 3.84
N ALA B 994 -9.53 15.32 4.02
CA ALA B 994 -10.44 16.12 3.20
C ALA B 994 -10.11 17.61 3.34
N VAL B 995 -9.93 18.06 4.57
CA VAL B 995 -9.61 19.47 4.86
C VAL B 995 -8.33 19.88 4.14
N VAL B 996 -7.24 19.13 4.38
CA VAL B 996 -5.95 19.45 3.78
C VAL B 996 -6.01 19.39 2.25
N GLY B 997 -6.66 18.37 1.70
CA GLY B 997 -6.80 18.24 0.25
C GLY B 997 -7.54 19.41 -0.37
N THR B 998 -8.69 19.76 0.20
CA THR B 998 -9.47 20.88 -0.33
C THR B 998 -8.69 22.18 -0.21
N ALA B 999 -7.98 22.37 0.91
CA ALA B 999 -7.16 23.56 1.07
C ALA B 999 -6.06 23.62 0.01
N LEU B 1000 -5.40 22.50 -0.26
CA LEU B 1000 -4.33 22.49 -1.25
C LEU B 1000 -4.84 22.70 -2.67
N ILE B 1001 -5.98 22.08 -3.03
CA ILE B 1001 -6.48 22.27 -4.39
C ILE B 1001 -7.06 23.67 -4.58
N LYS B 1002 -7.52 24.31 -3.49
CA LYS B 1002 -8.01 25.69 -3.59
C LYS B 1002 -6.86 26.69 -3.61
N LYS B 1003 -5.79 26.39 -2.87
CA LYS B 1003 -4.64 27.28 -2.76
C LYS B 1003 -3.75 27.23 -3.99
N TYR B 1004 -3.47 26.03 -4.52
CA TYR B 1004 -2.57 25.83 -5.67
C TYR B 1004 -3.23 25.04 -6.80
N PRO B 1005 -4.16 25.65 -7.54
CA PRO B 1005 -4.81 24.91 -8.65
C PRO B 1005 -3.83 24.49 -9.73
N LYS B 1006 -2.79 25.31 -9.98
CA LYS B 1006 -1.83 24.97 -11.03
C LYS B 1006 -0.96 23.78 -10.68
N LEU B 1007 -0.92 23.37 -9.40
CA LEU B 1007 -0.17 22.21 -8.98
C LEU B 1007 -1.07 20.96 -8.96
N GLU B 1008 -2.18 20.98 -9.72
CA GLU B 1008 -3.14 19.87 -9.73
C GLU B 1008 -2.48 18.59 -10.24
N SER B 1009 -1.58 18.71 -11.22
CA SER B 1009 -0.94 17.55 -11.82
C SER B 1009 -0.10 16.76 -10.81
N GLU B 1010 0.28 17.39 -9.69
CA GLU B 1010 1.08 16.68 -8.70
C GLU B 1010 0.19 15.74 -7.90
N PHE B 1011 -0.97 16.23 -7.42
CA PHE B 1011 -1.87 15.39 -6.61
C PHE B 1011 -3.06 14.85 -7.39
N VAL B 1012 -3.77 15.71 -8.14
CA VAL B 1012 -5.00 15.26 -8.81
C VAL B 1012 -4.65 14.23 -9.88
N TYR B 1013 -5.43 13.16 -9.91
CA TYR B 1013 -5.23 12.10 -10.89
C TYR B 1013 -5.81 12.57 -12.21
N GLY B 1014 -5.06 12.39 -13.29
CA GLY B 1014 -5.52 12.75 -14.62
C GLY B 1014 -4.39 13.26 -15.49
N ASP B 1015 -4.78 13.69 -16.69
CA ASP B 1015 -3.88 14.25 -17.70
C ASP B 1015 -4.01 15.77 -17.74
N TYR B 1016 -3.18 16.47 -16.97
CA TYR B 1016 -3.22 17.93 -16.88
C TYR B 1016 -2.00 18.55 -17.53
N LYS B 1017 -2.06 19.87 -17.69
CA LYS B 1017 -0.92 20.65 -18.17
C LYS B 1017 0.24 20.59 -17.18
N VAL B 1018 1.38 20.09 -17.64
CA VAL B 1018 2.52 19.85 -16.74
C VAL B 1018 3.02 21.23 -16.32
N TYR B 1019 2.60 21.71 -15.16
CA TYR B 1019 2.93 23.05 -14.71
C TYR B 1019 4.26 23.01 -13.96
N ASP B 1020 5.27 23.67 -14.53
CA ASP B 1020 6.59 23.66 -13.91
C ASP B 1020 6.52 24.40 -12.58
N VAL B 1021 7.36 23.96 -11.65
CA VAL B 1021 7.34 24.48 -10.28
C VAL B 1021 8.48 25.45 -10.00
N ARG B 1022 9.52 25.48 -10.85
CA ARG B 1022 10.65 26.37 -10.61
C ARG B 1022 10.24 27.81 -10.90
N LYS B 1023 9.49 28.01 -11.98
CA LYS B 1023 9.13 29.35 -12.44
C LYS B 1023 8.10 30.00 -11.53
N MET B 1024 7.33 29.23 -10.75
CA MET B 1024 6.28 29.77 -9.91
C MET B 1024 6.78 30.23 -8.53
N ILE B 1025 8.10 30.41 -8.37
CA ILE B 1025 8.72 30.75 -7.09
C ILE B 1025 9.07 32.23 -7.19
N ALA B 1026 8.70 32.99 -6.17
CA ALA B 1026 9.00 34.41 -6.18
C ALA B 1026 10.48 34.66 -5.93
N LYS B 1027 10.98 35.75 -6.52
CA LYS B 1027 12.39 36.10 -6.35
C LYS B 1027 12.67 36.53 -4.92
N SER B 1028 11.83 37.43 -4.40
CA SER B 1028 11.94 37.97 -3.06
C SER B 1028 10.86 37.36 -2.17
N GLU B 1029 11.04 37.52 -0.86
CA GLU B 1029 10.12 36.95 0.11
C GLU B 1029 8.73 37.55 -0.04
N GLN B 1030 8.61 38.87 0.15
CA GLN B 1030 7.34 39.59 0.19
C GLN B 1030 7.11 40.50 -1.00
N GLU B 1031 8.17 41.04 -1.60
CA GLU B 1031 8.00 41.96 -2.72
C GLU B 1031 7.40 41.27 -3.93
N ILE B 1032 7.90 40.07 -4.24
CA ILE B 1032 7.41 39.26 -5.37
C ILE B 1032 6.56 38.08 -4.90
N GLY B 1033 6.70 37.63 -3.66
CA GLY B 1033 5.90 36.56 -3.12
C GLY B 1033 4.68 37.12 -2.42
N LYS B 1034 3.51 36.61 -2.81
CA LYS B 1034 2.18 36.96 -2.33
C LYS B 1034 1.65 38.26 -2.95
N ALA B 1035 2.43 38.96 -3.78
CA ALA B 1035 2.01 40.15 -4.50
C ALA B 1035 1.92 39.96 -6.01
N THR B 1036 2.24 38.77 -6.54
CA THR B 1036 2.25 38.49 -7.97
C THR B 1036 1.62 37.12 -8.19
N ALA B 1037 1.63 36.68 -9.46
CA ALA B 1037 1.12 35.36 -9.80
C ALA B 1037 1.91 34.25 -9.11
N LYS B 1038 3.20 34.48 -8.87
CA LYS B 1038 4.08 33.57 -8.12
C LYS B 1038 3.43 33.06 -6.84
N TYR B 1039 3.32 31.74 -6.69
CA TYR B 1039 2.48 31.19 -5.64
C TYR B 1039 3.16 31.20 -4.28
N PHE B 1040 4.46 30.88 -4.21
CA PHE B 1040 5.14 30.86 -2.93
C PHE B 1040 6.64 30.84 -3.14
N PHE B 1041 7.35 31.57 -2.28
CA PHE B 1041 8.81 31.58 -2.27
C PHE B 1041 9.41 30.50 -1.39
N TYR B 1042 8.79 30.22 -0.25
CA TYR B 1042 9.22 29.13 0.62
C TYR B 1042 8.55 27.84 0.19
N SER B 1043 9.34 26.78 0.05
CA SER B 1043 8.90 25.57 -0.63
C SER B 1043 8.03 24.64 0.21
N ASN B 1044 7.70 25.01 1.45
CA ASN B 1044 6.82 24.19 2.29
C ASN B 1044 5.38 24.57 1.99
N ILE B 1045 4.59 23.57 1.59
CA ILE B 1045 3.22 23.83 1.14
C ILE B 1045 2.29 24.15 2.30
N MET B 1046 2.62 23.71 3.52
CA MET B 1046 1.74 23.85 4.67
C MET B 1046 2.03 25.13 5.47
N ASN B 1047 2.66 26.13 4.86
CA ASN B 1047 2.98 27.34 5.60
C ASN B 1047 1.75 28.22 5.74
N PHE B 1048 0.82 28.17 4.79
CA PHE B 1048 -0.32 29.07 4.83
C PHE B 1048 -1.29 28.72 5.97
N PHE B 1049 -1.22 27.49 6.48
CA PHE B 1049 -2.00 27.11 7.66
C PHE B 1049 -1.46 27.79 8.91
N LYS B 1050 -0.14 28.01 8.98
CA LYS B 1050 0.50 28.58 10.15
C LYS B 1050 0.25 30.07 10.26
N THR B 1051 0.18 30.55 11.51
CA THR B 1051 0.02 31.97 11.78
C THR B 1051 1.37 32.66 11.73
N GLU B 1052 2.40 32.01 12.29
CA GLU B 1052 3.77 32.49 12.34
C GLU B 1052 4.67 31.43 11.72
N ILE B 1053 5.80 31.87 11.16
CA ILE B 1053 6.78 30.99 10.53
C ILE B 1053 8.13 31.30 11.17
N THR B 1054 8.63 30.38 11.99
CA THR B 1054 9.92 30.53 12.65
C THR B 1054 11.01 29.99 11.73
N LEU B 1055 11.91 30.86 11.30
CA LEU B 1055 13.00 30.45 10.43
C LEU B 1055 14.10 29.82 11.29
N ALA B 1056 15.25 29.49 10.69
CA ALA B 1056 16.32 28.87 11.46
C ALA B 1056 17.16 29.85 12.27
N ASN B 1057 16.99 31.16 12.06
CA ASN B 1057 17.71 32.20 12.80
C ASN B 1057 16.93 32.64 14.04
N GLY B 1058 15.60 32.57 13.99
CA GLY B 1058 14.70 33.06 15.01
C GLY B 1058 13.78 34.18 14.57
N GLU B 1059 14.02 34.82 13.41
CA GLU B 1059 13.10 35.83 12.92
C GLU B 1059 11.75 35.17 12.62
N ILE B 1060 10.67 35.79 13.10
CA ILE B 1060 9.32 35.27 12.97
C ILE B 1060 8.61 35.98 11.82
N ARG B 1061 8.45 35.27 10.70
CA ARG B 1061 7.70 35.79 9.56
C ARG B 1061 6.21 35.67 9.83
N LYS B 1062 5.46 36.65 9.32
CA LYS B 1062 4.02 36.78 9.52
C LYS B 1062 3.28 36.52 8.20
N ARG B 1063 2.14 35.83 8.30
CA ARG B 1063 1.25 35.46 7.21
C ARG B 1063 -0.15 36.05 7.45
N PRO B 1064 -0.89 36.43 6.40
CA PRO B 1064 -2.21 37.07 6.61
C PRO B 1064 -3.17 36.22 7.43
N LEU B 1065 -4.11 36.91 8.07
CA LEU B 1065 -5.12 36.21 8.86
C LEU B 1065 -6.06 35.40 7.99
N ILE B 1066 -6.31 35.84 6.75
CA ILE B 1066 -7.17 35.17 5.79
C ILE B 1066 -6.33 34.82 4.56
N GLU B 1067 -6.25 33.53 4.24
CA GLU B 1067 -5.53 33.06 3.06
C GLU B 1067 -6.53 32.91 1.93
N THR B 1068 -6.17 33.48 0.78
CA THR B 1068 -7.01 33.57 -0.41
C THR B 1068 -6.21 33.17 -1.63
N ASN B 1069 -6.92 32.66 -2.64
CA ASN B 1069 -6.28 32.34 -3.91
C ASN B 1069 -5.97 33.62 -4.66
N GLY B 1070 -4.79 33.65 -5.30
CA GLY B 1070 -4.35 34.87 -5.96
C GLY B 1070 -5.08 35.19 -7.25
N GLU B 1071 -5.47 34.17 -8.02
CA GLU B 1071 -6.02 34.40 -9.35
C GLU B 1071 -7.52 34.68 -9.31
N THR B 1072 -8.27 33.99 -8.44
CA THR B 1072 -9.72 34.07 -8.39
C THR B 1072 -10.26 34.79 -7.16
N GLY B 1073 -9.41 35.14 -6.20
CA GLY B 1073 -9.86 35.88 -5.04
C GLY B 1073 -10.88 35.16 -4.18
N GLU B 1074 -10.67 33.86 -3.96
CA GLU B 1074 -11.53 33.03 -3.11
C GLU B 1074 -10.76 32.73 -1.83
N ILE B 1075 -11.42 32.94 -0.69
CA ILE B 1075 -10.80 32.67 0.60
C ILE B 1075 -10.65 31.16 0.75
N VAL B 1076 -9.41 30.71 1.01
CA VAL B 1076 -9.09 29.29 1.11
C VAL B 1076 -8.90 28.86 2.56
N TRP B 1077 -8.54 29.77 3.47
CA TRP B 1077 -8.34 29.38 4.86
C TRP B 1077 -8.54 30.59 5.77
N ASP B 1078 -9.41 30.42 6.77
CA ASP B 1078 -9.67 31.40 7.83
C ASP B 1078 -9.07 30.91 9.15
N LYS B 1079 -7.92 31.47 9.56
CA LYS B 1079 -7.14 30.95 10.68
C LYS B 1079 -7.89 30.95 12.03
N GLY B 1080 -9.02 31.63 12.14
CA GLY B 1080 -9.85 31.58 13.33
C GLY B 1080 -10.97 30.56 13.20
N ARG B 1081 -11.91 30.84 12.29
CA ARG B 1081 -13.12 30.01 12.16
C ARG B 1081 -12.81 28.57 11.74
N ASP B 1082 -11.80 28.36 10.89
CA ASP B 1082 -11.54 27.01 10.39
C ASP B 1082 -10.88 26.10 11.42
N PHE B 1083 -9.93 26.61 12.21
CA PHE B 1083 -9.35 25.77 13.26
C PHE B 1083 -10.39 25.46 14.33
N ALA B 1084 -11.24 26.44 14.67
CA ALA B 1084 -12.34 26.18 15.59
C ALA B 1084 -13.28 25.13 15.03
N THR B 1085 -13.53 25.17 13.72
CA THR B 1085 -14.39 24.19 13.06
C THR B 1085 -13.78 22.80 13.14
N VAL B 1086 -12.48 22.69 12.84
CA VAL B 1086 -11.78 21.40 12.89
C VAL B 1086 -11.84 20.83 14.31
N ARG B 1087 -11.55 21.66 15.31
CA ARG B 1087 -11.63 21.21 16.70
C ARG B 1087 -13.05 20.74 17.05
N LYS B 1088 -14.05 21.48 16.57
CA LYS B 1088 -15.44 21.10 16.82
C LYS B 1088 -15.77 19.76 16.18
N VAL B 1089 -15.27 19.53 14.96
CA VAL B 1089 -15.49 18.26 14.28
C VAL B 1089 -14.83 17.11 15.04
N LEU B 1090 -13.58 17.31 15.47
CA LEU B 1090 -12.90 16.27 16.23
C LEU B 1090 -13.55 16.03 17.60
N SER B 1091 -14.33 17.01 18.09
CA SER B 1091 -14.99 16.93 19.38
C SER B 1091 -16.38 16.27 19.30
N MET B 1092 -16.90 16.03 18.09
CA MET B 1092 -18.22 15.44 17.95
C MET B 1092 -18.23 14.02 18.51
N PRO B 1093 -19.24 13.63 19.35
CA PRO B 1093 -19.16 12.30 19.98
C PRO B 1093 -19.77 11.17 19.15
N GLN B 1094 -20.61 11.50 18.18
CA GLN B 1094 -21.28 10.52 17.32
C GLN B 1094 -20.56 10.34 15.99
N VAL B 1095 -19.70 9.34 15.91
CA VAL B 1095 -18.98 8.96 14.69
C VAL B 1095 -19.38 7.52 14.37
N ASN B 1096 -19.77 7.27 13.12
CA ASN B 1096 -20.29 5.97 12.70
C ASN B 1096 -19.26 4.86 12.58
N ILE B 1097 -19.06 4.06 13.63
CA ILE B 1097 -18.15 2.91 13.60
C ILE B 1097 -19.00 1.67 13.35
N VAL B 1098 -18.71 0.96 12.26
CA VAL B 1098 -19.47 -0.22 11.82
C VAL B 1098 -18.54 -1.40 11.61
N LYS B 1099 -18.88 -2.55 12.21
CA LYS B 1099 -18.14 -3.80 12.02
C LYS B 1099 -18.89 -4.59 10.95
N LYS B 1100 -18.24 -4.79 9.81
CA LYS B 1100 -18.83 -5.51 8.68
C LYS B 1100 -19.20 -6.93 9.08
N THR B 1101 -20.48 -7.26 9.04
CA THR B 1101 -20.92 -8.61 9.35
C THR B 1101 -20.57 -9.49 8.15
N GLU B 1102 -20.09 -10.71 8.41
CA GLU B 1102 -19.62 -11.58 7.34
C GLU B 1102 -19.93 -13.03 7.63
N VAL B 1103 -20.60 -13.69 6.67
CA VAL B 1103 -20.70 -15.14 6.67
C VAL B 1103 -19.31 -15.77 6.57
N GLN B 1104 -19.07 -16.80 7.38
CA GLN B 1104 -17.81 -17.53 7.38
C GLN B 1104 -17.91 -18.62 6.32
N THR B 1105 -16.87 -18.76 5.50
CA THR B 1105 -16.82 -19.74 4.41
C THR B 1105 -15.56 -20.57 4.50
N GLY B 1106 -15.50 -21.60 3.67
CA GLY B 1106 -14.34 -22.46 3.50
C GLY B 1106 -14.62 -23.91 3.89
N SER B 1139 -13.22 -28.80 15.93
CA SER B 1139 -14.64 -28.47 15.92
C SER B 1139 -15.02 -27.92 14.54
N PRO B 1140 -16.30 -27.97 14.17
CA PRO B 1140 -16.70 -27.33 12.91
C PRO B 1140 -16.76 -25.82 13.06
N THR B 1141 -16.57 -25.14 11.93
CA THR B 1141 -16.70 -23.69 11.87
C THR B 1141 -18.15 -23.32 11.60
N VAL B 1142 -18.65 -22.34 12.35
CA VAL B 1142 -20.03 -21.87 12.16
C VAL B 1142 -20.03 -20.87 11.00
N ALA B 1143 -20.81 -21.18 9.97
CA ALA B 1143 -20.98 -20.24 8.87
C ALA B 1143 -21.71 -18.99 9.33
N TYR B 1144 -22.87 -19.16 9.95
CA TYR B 1144 -23.63 -18.11 10.60
C TYR B 1144 -24.57 -18.76 11.61
N SER B 1145 -25.11 -17.93 12.51
CA SER B 1145 -26.10 -18.40 13.48
C SER B 1145 -27.46 -18.06 12.92
N VAL B 1146 -28.50 -18.71 13.44
CA VAL B 1146 -29.86 -18.51 12.94
C VAL B 1146 -30.83 -18.43 14.11
N LEU B 1147 -31.63 -17.37 14.14
CA LEU B 1147 -32.71 -17.26 15.10
C LEU B 1147 -33.89 -18.10 14.61
N VAL B 1148 -34.26 -19.09 15.42
CA VAL B 1148 -35.34 -20.03 15.17
C VAL B 1148 -36.41 -19.80 16.25
N VAL B 1149 -37.64 -19.54 15.82
CA VAL B 1149 -38.81 -19.49 16.70
C VAL B 1149 -39.72 -20.66 16.34
N ALA B 1150 -39.87 -21.58 17.29
CA ALA B 1150 -40.52 -22.87 17.06
C ALA B 1150 -40.93 -23.41 18.43
N LYS B 1151 -41.20 -24.73 18.49
CA LYS B 1151 -41.52 -25.41 19.75
C LYS B 1151 -40.68 -26.67 19.87
N VAL B 1152 -40.35 -27.02 21.12
CA VAL B 1152 -39.56 -28.21 21.45
C VAL B 1152 -40.29 -29.02 22.51
N GLU B 1153 -40.14 -30.34 22.42
CA GLU B 1153 -40.73 -31.25 23.39
C GLU B 1153 -40.01 -31.16 24.73
N LYS B 1154 -40.79 -31.12 25.82
CA LYS B 1154 -40.27 -31.03 27.18
C LYS B 1154 -40.84 -32.17 28.02
N GLY B 1155 -39.95 -32.89 28.70
CA GLY B 1155 -40.34 -33.89 29.69
C GLY B 1155 -40.74 -35.22 29.08
N LYS B 1156 -41.06 -36.16 29.99
CA LYS B 1156 -41.51 -37.49 29.60
C LYS B 1156 -42.75 -37.44 28.72
N SER B 1157 -43.71 -36.59 29.06
CA SER B 1157 -44.94 -36.50 28.29
C SER B 1157 -44.75 -35.74 26.97
N LYS B 1158 -43.59 -35.10 26.75
CA LYS B 1158 -43.27 -34.42 25.51
C LYS B 1158 -44.27 -33.30 25.22
N LYS B 1159 -44.58 -32.52 26.24
CA LYS B 1159 -45.41 -31.34 26.05
C LYS B 1159 -44.66 -30.31 25.21
N LEU B 1160 -45.36 -29.71 24.25
CA LEU B 1160 -44.72 -28.75 23.35
C LEU B 1160 -44.64 -27.40 24.04
N LYS B 1161 -43.43 -26.86 24.13
CA LYS B 1161 -43.16 -25.58 24.77
C LYS B 1161 -42.53 -24.65 23.73
N SER B 1162 -43.03 -23.43 23.67
CA SER B 1162 -42.50 -22.46 22.72
C SER B 1162 -41.11 -22.02 23.15
N VAL B 1163 -40.19 -21.94 22.19
CA VAL B 1163 -38.82 -21.52 22.44
C VAL B 1163 -38.39 -20.55 21.35
N LYS B 1164 -37.41 -19.74 21.69
CA LYS B 1164 -36.72 -18.82 20.79
C LYS B 1164 -35.25 -18.88 21.16
N GLU B 1165 -34.41 -19.38 20.26
CA GLU B 1165 -33.00 -19.61 20.57
C GLU B 1165 -32.17 -19.46 19.31
N LEU B 1166 -30.86 -19.27 19.51
CA LEU B 1166 -29.89 -19.23 18.43
C LEU B 1166 -29.31 -20.61 18.17
N LEU B 1167 -29.36 -21.05 16.91
CA LEU B 1167 -28.75 -22.29 16.43
C LEU B 1167 -27.60 -21.96 15.48
N GLY B 1168 -26.42 -22.48 15.77
CA GLY B 1168 -25.28 -22.34 14.87
C GLY B 1168 -25.32 -23.30 13.70
N ILE B 1169 -25.38 -22.75 12.48
CA ILE B 1169 -25.32 -23.52 11.24
C ILE B 1169 -23.85 -23.70 10.84
N THR B 1170 -23.34 -24.93 10.91
CA THR B 1170 -21.95 -25.16 10.55
C THR B 1170 -21.76 -25.03 9.03
N ILE B 1171 -20.49 -24.83 8.64
CA ILE B 1171 -20.15 -24.71 7.22
C ILE B 1171 -20.54 -25.96 6.44
N MET B 1172 -20.34 -27.14 7.03
CA MET B 1172 -20.71 -28.37 6.33
C MET B 1172 -22.22 -28.51 6.20
N GLU B 1173 -22.96 -28.00 7.19
CA GLU B 1173 -24.42 -28.08 7.23
C GLU B 1173 -25.12 -27.01 6.40
N ARG B 1174 -24.40 -25.99 5.90
CA ARG B 1174 -25.04 -24.78 5.38
C ARG B 1174 -25.93 -25.09 4.19
N SER B 1175 -25.39 -25.81 3.19
CA SER B 1175 -26.13 -26.11 1.96
C SER B 1175 -27.41 -26.89 2.26
N SER B 1176 -27.33 -27.88 3.16
CA SER B 1176 -28.50 -28.67 3.51
C SER B 1176 -29.56 -27.80 4.19
N PHE B 1177 -29.13 -26.91 5.09
CA PHE B 1177 -30.08 -26.07 5.79
C PHE B 1177 -30.78 -25.10 4.84
N GLU B 1178 -30.01 -24.54 3.89
CA GLU B 1178 -30.63 -23.58 2.97
C GLU B 1178 -31.49 -24.28 1.93
N LYS B 1179 -31.15 -25.53 1.57
CA LYS B 1179 -31.96 -26.30 0.65
C LYS B 1179 -33.39 -26.47 1.15
N ASN B 1180 -33.55 -26.98 2.37
CA ASN B 1180 -34.84 -27.09 3.05
C ASN B 1180 -34.67 -26.78 4.53
N PRO B 1181 -34.93 -25.53 4.97
CA PRO B 1181 -34.73 -25.21 6.40
C PRO B 1181 -35.55 -26.04 7.37
N ILE B 1182 -36.82 -26.28 7.02
CA ILE B 1182 -37.74 -26.98 7.91
C ILE B 1182 -37.27 -28.40 8.18
N ASP B 1183 -36.89 -29.14 7.12
CA ASP B 1183 -36.42 -30.51 7.31
C ASP B 1183 -35.17 -30.56 8.18
N PHE B 1184 -34.23 -29.64 7.96
CA PHE B 1184 -33.01 -29.57 8.78
C PHE B 1184 -33.37 -29.31 10.25
N LEU B 1185 -34.29 -28.39 10.49
CA LEU B 1185 -34.62 -28.02 11.86
C LEU B 1185 -35.36 -29.16 12.55
N GLU B 1186 -36.29 -29.83 11.84
CA GLU B 1186 -36.97 -30.97 12.44
C GLU B 1186 -35.98 -32.08 12.72
N ALA B 1187 -34.96 -32.24 11.87
CA ALA B 1187 -33.93 -33.22 12.19
C ALA B 1187 -33.14 -32.80 13.42
N LYS B 1188 -33.05 -31.48 13.69
CA LYS B 1188 -32.41 -31.01 14.91
C LYS B 1188 -33.30 -31.12 16.16
N GLY B 1189 -34.61 -31.37 16.00
CA GLY B 1189 -35.55 -31.53 17.11
C GLY B 1189 -36.62 -30.46 17.22
N TYR B 1190 -36.57 -29.40 16.41
CA TYR B 1190 -37.55 -28.32 16.47
C TYR B 1190 -38.84 -28.70 15.72
N LYS B 1191 -39.98 -28.26 16.26
CA LYS B 1191 -41.29 -28.54 15.67
C LYS B 1191 -42.12 -27.28 15.53
N GLU B 1192 -42.98 -27.29 14.51
CA GLU B 1192 -43.88 -26.17 14.18
C GLU B 1192 -43.11 -24.87 14.01
N VAL B 1193 -42.01 -24.93 13.25
CA VAL B 1193 -41.20 -23.75 13.02
C VAL B 1193 -41.97 -22.71 12.22
N LYS B 1194 -41.87 -21.46 12.66
CA LYS B 1194 -42.42 -20.31 11.96
C LYS B 1194 -41.41 -19.93 10.88
N LYS B 1195 -41.62 -20.47 9.67
CA LYS B 1195 -40.65 -20.33 8.57
C LYS B 1195 -40.38 -18.86 8.26
N ASP B 1196 -41.41 -18.02 8.27
CA ASP B 1196 -41.22 -16.62 7.90
C ASP B 1196 -40.49 -15.81 8.97
N LEU B 1197 -40.33 -16.34 10.19
CA LEU B 1197 -39.64 -15.64 11.27
C LEU B 1197 -38.18 -16.05 11.45
N ILE B 1198 -37.68 -17.00 10.64
CA ILE B 1198 -36.28 -17.39 10.73
C ILE B 1198 -35.43 -16.19 10.32
N ILE B 1199 -34.39 -15.87 11.12
CA ILE B 1199 -33.50 -14.74 10.82
C ILE B 1199 -32.06 -15.25 10.75
N LYS B 1200 -31.39 -14.94 9.64
CA LYS B 1200 -29.96 -15.25 9.46
C LYS B 1200 -29.12 -14.18 10.15
N LEU B 1201 -28.23 -14.61 11.04
CA LEU B 1201 -27.43 -13.74 11.90
C LEU B 1201 -25.95 -14.05 11.71
N PRO B 1202 -25.26 -13.39 10.78
CA PRO B 1202 -23.82 -13.68 10.63
C PRO B 1202 -23.04 -13.08 11.80
N LYS B 1203 -21.75 -13.41 11.84
CA LYS B 1203 -20.88 -12.88 12.89
C LYS B 1203 -20.89 -11.35 12.88
N TYR B 1204 -20.91 -10.77 14.07
CA TYR B 1204 -20.88 -9.34 14.37
C TYR B 1204 -22.25 -8.68 14.21
N SER B 1205 -23.33 -9.45 14.01
CA SER B 1205 -24.67 -8.89 14.02
C SER B 1205 -24.87 -8.06 15.29
N LEU B 1206 -25.48 -6.90 15.12
CA LEU B 1206 -25.53 -5.86 16.15
C LEU B 1206 -26.89 -5.84 16.82
N PHE B 1207 -26.88 -5.79 18.15
CA PHE B 1207 -28.09 -5.69 18.96
C PHE B 1207 -27.91 -4.54 19.92
N GLU B 1208 -28.99 -3.79 20.15
CA GLU B 1208 -29.07 -2.71 21.12
C GLU B 1208 -30.07 -3.09 22.19
N LEU B 1209 -29.68 -2.90 23.45
CA LEU B 1209 -30.49 -3.21 24.61
C LEU B 1209 -30.87 -1.88 25.29
N GLU B 1210 -30.82 -1.79 26.62
CA GLU B 1210 -31.25 -0.59 27.33
C GLU B 1210 -30.09 0.39 27.55
N ASN B 1211 -30.44 1.69 27.58
CA ASN B 1211 -29.50 2.78 27.89
C ASN B 1211 -28.41 2.89 26.83
N GLY B 1212 -28.76 2.62 25.57
CA GLY B 1212 -27.81 2.65 24.48
C GLY B 1212 -26.78 1.53 24.47
N ARG B 1213 -26.81 0.61 25.42
CA ARG B 1213 -25.88 -0.50 25.46
C ARG B 1213 -26.04 -1.37 24.21
N LYS B 1214 -24.91 -1.75 23.61
CA LYS B 1214 -24.89 -2.52 22.38
C LYS B 1214 -23.96 -3.71 22.52
N ARG B 1215 -24.31 -4.77 21.79
CA ARG B 1215 -23.55 -6.01 21.71
C ARG B 1215 -23.49 -6.46 20.26
N MET B 1216 -22.39 -7.12 19.91
CA MET B 1216 -22.21 -7.76 18.61
C MET B 1216 -22.18 -9.28 18.77
N LEU B 1217 -22.76 -10.00 17.81
CA LEU B 1217 -22.73 -11.46 17.87
C LEU B 1217 -21.35 -11.98 17.52
N ALA B 1218 -20.69 -12.66 18.46
CA ALA B 1218 -19.45 -13.38 18.16
C ALA B 1218 -19.68 -14.83 17.75
N SER B 1219 -20.85 -15.39 18.04
CA SER B 1219 -21.04 -16.84 18.07
C SER B 1219 -22.50 -17.10 18.35
N ALA B 1220 -22.87 -18.36 18.54
CA ALA B 1220 -24.23 -18.67 18.94
C ALA B 1220 -24.41 -18.55 20.45
N GLY B 1221 -23.32 -18.62 21.22
CA GLY B 1221 -23.35 -18.59 22.67
C GLY B 1221 -22.51 -17.50 23.31
N GLU B 1222 -22.04 -16.50 22.55
CA GLU B 1222 -21.21 -15.44 23.11
C GLU B 1222 -21.36 -14.14 22.34
N LEU B 1223 -21.19 -13.02 23.04
CA LEU B 1223 -21.36 -11.67 22.53
C LEU B 1223 -20.05 -10.89 22.72
N GLN B 1224 -19.89 -9.84 21.92
CA GLN B 1224 -18.82 -8.86 22.01
C GLN B 1224 -19.36 -7.48 22.37
N LYS B 1225 -18.47 -6.61 22.84
CA LYS B 1225 -18.83 -5.21 23.08
C LYS B 1225 -19.14 -4.50 21.77
N GLY B 1226 -20.19 -3.66 21.77
CA GLY B 1226 -20.66 -2.99 20.58
C GLY B 1226 -20.60 -1.47 20.55
N ASN B 1227 -20.09 -0.85 21.61
CA ASN B 1227 -20.08 0.61 21.78
C ASN B 1227 -18.67 1.17 21.63
N GLU B 1228 -18.62 2.47 21.32
CA GLU B 1228 -17.38 3.25 21.26
C GLU B 1228 -17.40 4.35 22.31
N LEU B 1229 -16.29 4.53 23.02
CA LEU B 1229 -16.15 5.56 24.04
C LEU B 1229 -15.70 6.88 23.41
N ALA B 1230 -16.63 7.83 23.30
CA ALA B 1230 -16.38 9.14 22.68
C ALA B 1230 -15.78 10.10 23.70
N LEU B 1231 -14.47 9.95 23.93
CA LEU B 1231 -13.76 10.82 24.87
C LEU B 1231 -13.62 12.24 24.30
N PRO B 1232 -13.92 13.31 25.07
CA PRO B 1232 -13.73 14.68 24.52
C PRO B 1232 -12.30 14.95 24.08
N SER B 1233 -12.19 15.85 23.09
CA SER B 1233 -10.90 16.16 22.47
C SER B 1233 -9.85 16.64 23.45
N LYS B 1234 -10.22 17.49 24.42
CA LYS B 1234 -9.24 18.03 25.36
C LYS B 1234 -8.55 16.93 26.17
N TYR B 1235 -9.27 15.86 26.48
CA TYR B 1235 -8.69 14.74 27.21
C TYR B 1235 -7.81 13.90 26.30
N VAL B 1236 -8.21 13.75 25.03
CA VAL B 1236 -7.39 13.03 24.06
C VAL B 1236 -6.05 13.73 23.91
N ASN B 1237 -6.08 15.06 23.75
CA ASN B 1237 -4.86 15.83 23.59
C ASN B 1237 -4.00 15.76 24.85
N PHE B 1238 -4.64 15.87 26.02
CA PHE B 1238 -3.91 15.70 27.28
C PHE B 1238 -3.23 14.35 27.36
N LEU B 1239 -3.92 13.28 26.96
CA LEU B 1239 -3.34 11.95 27.03
C LEU B 1239 -2.14 11.83 26.10
N TYR B 1240 -2.31 12.32 24.86
CA TYR B 1240 -1.20 12.33 23.90
C TYR B 1240 0.00 13.07 24.46
N LEU B 1241 -0.25 14.20 25.13
CA LEU B 1241 0.85 15.03 25.62
C LEU B 1241 1.52 14.37 26.80
N ALA B 1242 0.75 13.80 27.73
CA ALA B 1242 1.35 13.16 28.89
C ALA B 1242 2.15 11.94 28.48
N SER B 1243 1.63 11.15 27.53
CA SER B 1243 2.35 9.96 27.10
C SER B 1243 3.58 10.32 26.25
N HIS B 1244 3.54 11.48 25.57
CA HIS B 1244 4.62 12.00 24.73
C HIS B 1244 5.52 12.97 25.51
N TYR B 1245 5.65 12.78 26.83
CA TYR B 1245 6.41 13.66 27.70
C TYR B 1245 7.84 13.89 27.21
N GLU B 1246 8.64 12.82 27.11
CA GLU B 1246 10.04 13.01 26.71
C GLU B 1246 10.18 13.28 25.21
N LYS B 1247 9.30 12.71 24.39
CA LYS B 1247 9.37 12.81 22.94
C LYS B 1247 8.37 13.85 22.44
N LEU B 1248 8.87 14.98 21.95
CA LEU B 1248 8.04 16.09 21.46
C LEU B 1248 8.44 16.54 20.05
N LYS B 1249 9.73 16.55 19.73
CA LYS B 1249 10.23 16.91 18.40
C LYS B 1249 9.77 18.31 17.95
N GLY B 1250 9.76 19.25 18.89
CA GLY B 1250 9.35 20.63 18.63
C GLY B 1250 10.33 21.65 19.18
N SER B 1251 9.97 22.93 19.06
CA SER B 1251 10.82 24.00 19.55
C SER B 1251 10.85 23.96 21.08
N PRO B 1252 11.87 24.56 21.72
CA PRO B 1252 11.86 24.59 23.20
C PRO B 1252 10.70 25.36 23.81
N GLU B 1253 10.37 26.56 23.30
CA GLU B 1253 9.22 27.31 23.81
C GLU B 1253 7.93 26.49 23.73
N ASP B 1254 7.63 25.94 22.54
CA ASP B 1254 6.48 25.06 22.34
C ASP B 1254 6.45 23.90 23.34
N ASN B 1255 7.61 23.26 23.53
CA ASN B 1255 7.74 22.19 24.51
C ASN B 1255 7.41 22.67 25.92
N GLU B 1256 7.85 23.89 26.26
CA GLU B 1256 7.54 24.44 27.58
C GLU B 1256 6.04 24.67 27.73
N GLN B 1257 5.39 25.16 26.67
CA GLN B 1257 3.94 25.36 26.71
C GLN B 1257 3.21 24.04 26.94
N LYS B 1258 3.55 23.01 26.17
CA LYS B 1258 2.95 21.69 26.38
C LYS B 1258 3.18 21.15 27.80
N GLN B 1259 4.42 21.26 28.31
CA GLN B 1259 4.70 20.77 29.65
C GLN B 1259 3.91 21.52 30.73
N LEU B 1260 3.81 22.84 30.61
CA LEU B 1260 3.03 23.59 31.58
C LEU B 1260 1.55 23.32 31.43
N PHE B 1261 1.07 23.05 30.22
CA PHE B 1261 -0.32 22.68 30.02
C PHE B 1261 -0.65 21.38 30.73
N VAL B 1262 0.22 20.37 30.57
CA VAL B 1262 0.04 19.08 31.24
C VAL B 1262 0.01 19.26 32.77
N GLU B 1263 0.99 19.98 33.31
CA GLU B 1263 1.06 20.13 34.76
C GLU B 1263 -0.13 20.93 35.28
N GLN B 1264 -0.53 21.99 34.57
CA GLN B 1264 -1.69 22.77 34.98
C GLN B 1264 -3.00 22.00 34.84
N HIS B 1265 -3.04 20.94 34.02
CA HIS B 1265 -4.26 20.18 33.75
C HIS B 1265 -4.14 18.73 34.20
N LYS B 1266 -3.35 18.47 35.24
CA LYS B 1266 -3.16 17.10 35.75
C LYS B 1266 -4.44 16.51 36.34
N HIS B 1267 -5.43 17.32 36.73
CA HIS B 1267 -6.72 16.79 37.19
C HIS B 1267 -7.51 16.08 36.09
N TYR B 1268 -7.13 16.24 34.82
CA TYR B 1268 -7.76 15.50 33.74
C TYR B 1268 -7.57 14.00 33.89
N LEU B 1269 -6.56 13.54 34.63
CA LEU B 1269 -6.36 12.11 34.87
C LEU B 1269 -7.58 11.54 35.59
N ASP B 1270 -7.94 12.18 36.71
CA ASP B 1270 -9.11 11.78 37.48
C ASP B 1270 -10.38 11.93 36.67
N GLU B 1271 -10.46 12.96 35.82
CA GLU B 1271 -11.68 13.14 35.04
C GLU B 1271 -11.85 12.05 33.99
N ILE B 1272 -10.76 11.65 33.34
CA ILE B 1272 -10.79 10.56 32.38
C ILE B 1272 -11.20 9.26 33.08
N ILE B 1273 -10.65 9.00 34.27
CA ILE B 1273 -11.07 7.82 35.03
C ILE B 1273 -12.57 7.86 35.32
N GLU B 1274 -13.09 9.02 35.71
CA GLU B 1274 -14.53 9.17 35.93
C GLU B 1274 -15.31 8.83 34.66
N GLN B 1275 -14.84 9.33 33.52
CA GLN B 1275 -15.48 9.04 32.24
C GLN B 1275 -15.51 7.55 31.96
N ILE B 1276 -14.39 6.85 32.22
CA ILE B 1276 -14.34 5.40 32.04
C ILE B 1276 -15.35 4.74 32.96
N SER B 1277 -15.49 5.26 34.17
CA SER B 1277 -16.38 4.63 35.14
C SER B 1277 -17.83 4.77 34.69
N GLU B 1278 -18.24 5.99 34.33
CA GLU B 1278 -19.62 6.22 33.92
C GLU B 1278 -19.96 5.51 32.62
N PHE B 1279 -19.02 5.49 31.65
CA PHE B 1279 -19.26 4.71 30.44
C PHE B 1279 -19.42 3.23 30.76
N SER B 1280 -18.52 2.68 31.58
CA SER B 1280 -18.56 1.26 31.90
C SER B 1280 -19.80 0.89 32.72
N LYS B 1281 -20.35 1.83 33.49
CA LYS B 1281 -21.47 1.51 34.37
C LYS B 1281 -22.72 1.13 33.58
N ARG B 1282 -22.95 1.77 32.43
CA ARG B 1282 -24.15 1.55 31.64
C ARG B 1282 -23.95 0.72 30.38
N VAL B 1283 -22.70 0.45 29.97
CA VAL B 1283 -22.39 -0.07 28.64
C VAL B 1283 -21.66 -1.40 28.70
N ILE B 1284 -20.86 -1.62 29.73
CA ILE B 1284 -19.94 -2.76 29.82
C ILE B 1284 -20.45 -3.79 30.81
N LEU B 1285 -20.83 -3.36 32.01
CA LEU B 1285 -21.44 -4.23 33.02
C LEU B 1285 -20.48 -5.34 33.46
N ALA B 1286 -19.22 -4.97 33.65
CA ALA B 1286 -18.15 -5.84 34.14
C ALA B 1286 -17.68 -5.24 35.46
N ASP B 1287 -18.48 -5.42 36.50
CA ASP B 1287 -18.24 -4.67 37.73
C ASP B 1287 -17.04 -5.19 38.52
N ALA B 1288 -16.72 -6.47 38.41
CA ALA B 1288 -15.49 -6.97 39.03
C ALA B 1288 -14.26 -6.32 38.43
N ASN B 1289 -14.24 -6.18 37.10
CA ASN B 1289 -13.10 -5.54 36.45
C ASN B 1289 -13.09 -4.04 36.65
N LEU B 1290 -14.26 -3.41 36.64
CA LEU B 1290 -14.32 -1.98 36.92
C LEU B 1290 -13.82 -1.67 38.33
N ASP B 1291 -14.26 -2.46 39.32
CA ASP B 1291 -13.76 -2.30 40.69
C ASP B 1291 -12.24 -2.50 40.75
N LYS B 1292 -11.74 -3.52 40.05
CA LYS B 1292 -10.29 -3.74 39.95
C LYS B 1292 -9.59 -2.51 39.38
N VAL B 1293 -10.14 -1.94 38.31
CA VAL B 1293 -9.52 -0.80 37.64
C VAL B 1293 -9.44 0.40 38.58
N LEU B 1294 -10.60 0.84 39.08
CA LEU B 1294 -10.66 1.95 40.04
C LEU B 1294 -9.73 1.74 41.23
N SER B 1295 -9.68 0.51 41.77
CA SER B 1295 -8.78 0.20 42.87
C SER B 1295 -7.32 0.39 42.47
N ALA B 1296 -6.93 -0.08 41.28
CA ALA B 1296 -5.55 0.08 40.85
C ALA B 1296 -5.21 1.54 40.62
N TYR B 1297 -6.12 2.30 40.00
CA TYR B 1297 -5.90 3.72 39.78
C TYR B 1297 -5.69 4.46 41.10
N ASN B 1298 -6.48 4.11 42.13
CA ASN B 1298 -6.23 4.74 43.42
C ASN B 1298 -4.89 4.26 43.99
N LYS B 1299 -4.51 3.02 43.70
CA LYS B 1299 -3.25 2.48 44.21
C LYS B 1299 -2.05 3.23 43.66
N HIS B 1300 -2.15 3.78 42.44
CA HIS B 1300 -1.01 4.37 41.73
C HIS B 1300 -1.20 5.85 41.42
N ARG B 1301 -2.05 6.56 42.17
CA ARG B 1301 -2.16 8.02 42.02
C ARG B 1301 -0.86 8.77 42.39
N ASP B 1302 0.06 8.14 43.11
CA ASP B 1302 1.35 8.74 43.42
C ASP B 1302 2.34 8.73 42.26
N LYS B 1303 2.14 7.86 41.27
CA LYS B 1303 3.09 7.67 40.18
C LYS B 1303 3.17 8.92 39.30
N PRO B 1304 4.23 9.04 38.48
CA PRO B 1304 4.32 10.20 37.57
C PRO B 1304 3.17 10.24 36.57
N ILE B 1305 2.93 11.47 36.08
CA ILE B 1305 1.83 11.72 35.15
C ILE B 1305 1.98 10.88 33.89
N ARG B 1306 3.20 10.80 33.34
CA ARG B 1306 3.44 10.02 32.12
C ARG B 1306 2.99 8.57 32.28
N GLU B 1307 3.34 7.94 33.40
CA GLU B 1307 3.01 6.54 33.60
C GLU B 1307 1.50 6.36 33.77
N GLN B 1308 0.86 7.24 34.53
CA GLN B 1308 -0.59 7.14 34.71
C GLN B 1308 -1.31 7.36 33.39
N ALA B 1309 -0.81 8.27 32.57
CA ALA B 1309 -1.37 8.44 31.23
C ALA B 1309 -1.23 7.17 30.42
N GLU B 1310 -0.01 6.61 30.35
CA GLU B 1310 0.25 5.38 29.57
C GLU B 1310 -0.63 4.23 30.01
N ASN B 1311 -0.91 4.16 31.31
CA ASN B 1311 -1.70 3.04 31.76
C ASN B 1311 -3.19 3.30 31.58
N ILE B 1312 -3.65 4.56 31.64
CA ILE B 1312 -5.02 4.84 31.20
C ILE B 1312 -5.18 4.47 29.73
N ILE B 1313 -4.12 4.67 28.92
CA ILE B 1313 -4.15 4.24 27.53
C ILE B 1313 -4.42 2.74 27.49
N HIS B 1314 -3.79 2.00 28.42
CA HIS B 1314 -4.07 0.57 28.43
C HIS B 1314 -5.49 0.30 28.91
N LEU B 1315 -6.05 1.19 29.76
CA LEU B 1315 -7.38 0.97 30.32
C LEU B 1315 -8.48 1.09 29.28
N PHE B 1316 -8.22 1.76 28.15
CA PHE B 1316 -9.30 1.91 27.17
C PHE B 1316 -9.67 0.60 26.45
N THR B 1317 -8.89 -0.48 26.61
CA THR B 1317 -9.31 -1.78 26.07
C THR B 1317 -10.51 -2.35 26.80
N LEU B 1318 -10.74 -1.95 28.06
CA LEU B 1318 -11.98 -2.35 28.73
C LEU B 1318 -13.21 -1.86 27.99
N THR B 1319 -13.14 -0.66 27.39
CA THR B 1319 -14.30 -0.02 26.78
C THR B 1319 -14.30 -0.08 25.25
N ASN B 1320 -13.23 -0.55 24.60
CA ASN B 1320 -13.19 -0.59 23.15
C ASN B 1320 -14.31 -1.47 22.57
N LEU B 1321 -14.76 -1.09 21.39
CA LEU B 1321 -15.62 -1.94 20.59
C LEU B 1321 -14.89 -3.23 20.25
N GLY B 1322 -15.65 -4.33 20.23
CA GLY B 1322 -15.18 -5.62 19.76
C GLY B 1322 -15.02 -6.63 20.88
N ALA B 1323 -14.18 -7.62 20.61
CA ALA B 1323 -14.04 -8.75 21.53
C ALA B 1323 -13.38 -8.33 22.85
N PRO B 1324 -13.91 -8.72 24.02
CA PRO B 1324 -13.20 -8.45 25.27
C PRO B 1324 -11.79 -9.04 25.27
N ALA B 1325 -10.85 -8.31 25.87
CA ALA B 1325 -9.45 -8.70 25.91
C ALA B 1325 -8.87 -8.36 27.26
N ALA B 1326 -7.89 -9.15 27.68
CA ALA B 1326 -7.19 -8.88 28.92
C ALA B 1326 -6.26 -7.68 28.73
N PHE B 1327 -5.98 -6.98 29.81
CA PHE B 1327 -5.07 -5.84 29.73
C PHE B 1327 -4.42 -5.63 31.08
N LYS B 1328 -3.57 -4.60 31.17
CA LYS B 1328 -2.77 -4.31 32.35
C LYS B 1328 -2.86 -2.83 32.68
N TYR B 1329 -3.08 -2.53 33.96
CA TYR B 1329 -2.85 -1.21 34.54
C TYR B 1329 -1.61 -1.35 35.42
N PHE B 1330 -0.49 -0.79 34.96
CA PHE B 1330 0.83 -0.97 35.57
C PHE B 1330 1.10 -2.48 35.57
N ASP B 1331 1.29 -3.12 36.72
CA ASP B 1331 1.47 -4.56 36.81
C ASP B 1331 0.17 -5.33 37.09
N THR B 1332 -0.93 -4.63 37.35
CA THR B 1332 -2.18 -5.28 37.72
C THR B 1332 -2.91 -5.71 36.45
N THR B 1333 -3.10 -7.02 36.27
CA THR B 1333 -3.74 -7.55 35.08
C THR B 1333 -5.25 -7.68 35.32
N ILE B 1334 -6.03 -7.19 34.36
CA ILE B 1334 -7.48 -7.27 34.36
C ILE B 1334 -7.89 -8.24 33.25
N ASP B 1335 -8.39 -9.39 33.67
CA ASP B 1335 -8.81 -10.45 32.77
C ASP B 1335 -10.13 -10.10 32.12
N ARG B 1336 -10.32 -10.57 30.88
CA ARG B 1336 -11.51 -10.22 30.12
C ARG B 1336 -12.77 -10.77 30.77
N LYS B 1337 -13.80 -9.94 30.84
CA LYS B 1337 -15.15 -10.38 31.22
C LYS B 1337 -15.90 -10.67 29.93
N ARG B 1338 -16.32 -11.91 29.76
CA ARG B 1338 -16.97 -12.35 28.54
C ARG B 1338 -18.48 -12.32 28.74
N TYR B 1339 -19.19 -12.19 27.62
CA TYR B 1339 -20.65 -12.17 27.59
C TYR B 1339 -21.10 -13.55 27.11
N CYS B 1340 -21.00 -14.50 28.02
CA CYS B 1340 -21.13 -15.92 27.70
C CYS B 1340 -22.56 -16.38 27.48
N SER B 1341 -23.56 -15.50 27.61
CA SER B 1341 -24.95 -15.78 27.31
C SER B 1341 -25.44 -14.88 26.20
N THR B 1342 -26.17 -15.49 25.26
CA THR B 1342 -26.82 -14.81 24.15
C THR B 1342 -28.32 -14.65 24.38
N LYS B 1343 -28.84 -15.00 25.57
CA LYS B 1343 -30.28 -14.96 25.81
C LYS B 1343 -30.85 -13.56 25.62
N GLU B 1344 -30.25 -12.56 26.28
CA GLU B 1344 -30.81 -11.19 26.30
C GLU B 1344 -30.98 -10.58 24.91
N VAL B 1345 -30.14 -10.97 23.94
CA VAL B 1345 -30.26 -10.38 22.60
C VAL B 1345 -31.53 -10.85 21.95
N LEU B 1346 -32.07 -12.01 22.37
CA LEU B 1346 -33.27 -12.54 21.75
C LEU B 1346 -34.49 -11.68 22.03
N ASP B 1347 -34.42 -10.73 22.99
CA ASP B 1347 -35.49 -9.79 23.29
C ASP B 1347 -35.03 -8.34 23.14
N ALA B 1348 -33.89 -8.11 22.49
CA ALA B 1348 -33.32 -6.80 22.26
C ALA B 1348 -33.74 -6.32 20.87
N THR B 1349 -33.22 -5.18 20.44
CA THR B 1349 -33.46 -4.66 19.10
C THR B 1349 -32.27 -5.06 18.23
N LEU B 1350 -32.52 -5.82 17.17
CA LEU B 1350 -31.47 -6.13 16.20
C LEU B 1350 -31.34 -4.99 15.21
N ILE B 1351 -30.11 -4.61 14.89
CA ILE B 1351 -29.79 -3.48 14.00
C ILE B 1351 -28.99 -4.03 12.85
N HIS B 1352 -29.61 -4.07 11.67
CA HIS B 1352 -28.91 -4.36 10.43
C HIS B 1352 -28.37 -3.02 9.91
N GLN B 1353 -27.09 -2.99 9.55
CA GLN B 1353 -26.38 -1.76 9.19
C GLN B 1353 -25.84 -1.80 7.78
N SER B 1354 -26.00 -0.69 7.06
CA SER B 1354 -25.27 -0.39 5.84
C SER B 1354 -23.75 -0.42 6.08
N ILE B 1355 -23.00 -0.43 4.97
CA ILE B 1355 -21.55 -0.37 5.04
C ILE B 1355 -21.08 0.91 5.74
N THR B 1356 -21.77 2.05 5.50
CA THR B 1356 -21.45 3.29 6.21
C THR B 1356 -22.13 3.43 7.57
N GLY B 1357 -23.10 2.59 7.91
CA GLY B 1357 -23.88 2.75 9.11
C GLY B 1357 -24.87 3.89 9.13
N LEU B 1358 -25.01 4.65 8.04
CA LEU B 1358 -25.95 5.76 8.03
C LEU B 1358 -27.37 5.26 7.83
N TYR B 1359 -27.51 4.25 6.98
CA TYR B 1359 -28.76 3.55 6.75
C TYR B 1359 -28.80 2.31 7.64
N GLU B 1360 -29.91 2.14 8.37
CA GLU B 1360 -30.06 1.02 9.29
C GLU B 1360 -31.52 0.57 9.27
N THR B 1361 -31.73 -0.68 9.67
CA THR B 1361 -33.06 -1.23 9.92
C THR B 1361 -33.05 -1.88 11.31
N ARG B 1362 -34.03 -1.51 12.12
CA ARG B 1362 -34.13 -1.91 13.52
C ARG B 1362 -35.36 -2.81 13.68
N ILE B 1363 -35.14 -4.02 14.18
CA ILE B 1363 -36.19 -5.02 14.38
C ILE B 1363 -36.26 -5.30 15.88
N ASP B 1364 -37.43 -5.07 16.47
CA ASP B 1364 -37.65 -5.38 17.88
C ASP B 1364 -37.99 -6.86 17.97
N LEU B 1365 -37.04 -7.66 18.45
CA LEU B 1365 -37.22 -9.10 18.52
C LEU B 1365 -38.18 -9.56 19.61
N SER B 1366 -38.76 -8.66 20.41
CA SER B 1366 -39.88 -9.04 21.25
C SER B 1366 -41.06 -9.47 20.37
N GLN B 1367 -41.27 -10.77 20.22
CA GLN B 1367 -42.28 -11.31 19.30
C GLN B 1367 -42.26 -12.84 19.34
#